data_1A9H
# 
_entry.id   1A9H 
# 
_audit_conform.dict_name       mmcif_pdbx.dic 
_audit_conform.dict_version    5.390 
_audit_conform.dict_location   http://mmcif.pdb.org/dictionaries/ascii/mmcif_pdbx.dic 
# 
loop_
_database_2.database_id 
_database_2.database_code 
_database_2.pdbx_database_accession 
_database_2.pdbx_DOI 
PDB   1A9H         pdb_00001a9h 10.2210/pdb1a9h/pdb 
WWPDB D_1000170559 ?            ?                   
# 
loop_
_pdbx_audit_revision_history.ordinal 
_pdbx_audit_revision_history.data_content_type 
_pdbx_audit_revision_history.major_revision 
_pdbx_audit_revision_history.minor_revision 
_pdbx_audit_revision_history.revision_date 
1 'Structure model' 1 0 1998-07-15 
2 'Structure model' 1 1 2008-03-24 
3 'Structure model' 1 2 2011-07-13 
4 'Structure model' 1 3 2014-07-09 
5 'Structure model' 1 4 2024-04-10 
# 
_pdbx_audit_revision_details.ordinal             1 
_pdbx_audit_revision_details.revision_ordinal    1 
_pdbx_audit_revision_details.data_content_type   'Structure model' 
_pdbx_audit_revision_details.provider            repository 
_pdbx_audit_revision_details.type                'Initial release' 
_pdbx_audit_revision_details.description         ? 
_pdbx_audit_revision_details.details             ? 
# 
loop_
_pdbx_audit_revision_group.ordinal 
_pdbx_audit_revision_group.revision_ordinal 
_pdbx_audit_revision_group.data_content_type 
_pdbx_audit_revision_group.group 
1 2 'Structure model' 'Version format compliance' 
2 3 'Structure model' 'Version format compliance' 
3 4 'Structure model' 'Non-polymer description'   
4 5 'Structure model' 'Data collection'           
5 5 'Structure model' 'Database references'       
6 5 'Structure model' 'Derived calculations'      
7 5 'Structure model' Other                       
# 
loop_
_pdbx_audit_revision_category.ordinal 
_pdbx_audit_revision_category.revision_ordinal 
_pdbx_audit_revision_category.data_content_type 
_pdbx_audit_revision_category.category 
1 5 'Structure model' chem_comp_atom       
2 5 'Structure model' chem_comp_bond       
3 5 'Structure model' database_2           
4 5 'Structure model' pdbx_database_status 
5 5 'Structure model' struct_conn          
# 
loop_
_pdbx_audit_revision_item.ordinal 
_pdbx_audit_revision_item.revision_ordinal 
_pdbx_audit_revision_item.data_content_type 
_pdbx_audit_revision_item.item 
1  5 'Structure model' '_database_2.pdbx_DOI'                
2  5 'Structure model' '_database_2.pdbx_database_accession' 
3  5 'Structure model' '_pdbx_database_status.process_site'  
4  5 'Structure model' '_struct_conn.pdbx_leaving_atom_flag' 
5  5 'Structure model' '_struct_conn.ptnr1_auth_comp_id'     
6  5 'Structure model' '_struct_conn.ptnr1_auth_seq_id'      
7  5 'Structure model' '_struct_conn.ptnr1_label_atom_id'    
8  5 'Structure model' '_struct_conn.ptnr1_label_comp_id'    
9  5 'Structure model' '_struct_conn.ptnr1_label_seq_id'     
10 5 'Structure model' '_struct_conn.ptnr2_auth_comp_id'     
11 5 'Structure model' '_struct_conn.ptnr2_auth_seq_id'      
12 5 'Structure model' '_struct_conn.ptnr2_label_atom_id'    
13 5 'Structure model' '_struct_conn.ptnr2_label_comp_id'    
14 5 'Structure model' '_struct_conn.ptnr2_label_seq_id'     
# 
_pdbx_database_status.status_code                     REL 
_pdbx_database_status.entry_id                        1A9H 
_pdbx_database_status.recvd_initial_deposition_date   1998-04-06 
_pdbx_database_status.deposit_site                    ? 
_pdbx_database_status.process_site                    BNL 
_pdbx_database_status.SG_entry                        . 
_pdbx_database_status.status_code_sf                  ? 
_pdbx_database_status.status_code_mr                  ? 
_pdbx_database_status.status_code_cs                  ? 
_pdbx_database_status.pdb_format_compatible           Y 
_pdbx_database_status.status_code_nmr_data            ? 
_pdbx_database_status.methods_development_category    ? 
# 
loop_
_audit_author.name 
_audit_author.pdbx_ordinal 
'Beger, R.D.'  1 
'Bolton, P.H.' 2 
# 
_citation.id                        primary 
_citation.title                     'Structures of apurinic and apyrimidinic sites in duplex DNAs.' 
_citation.journal_abbrev            J.Biol.Chem. 
_citation.journal_volume            273 
_citation.page_first                15565 
_citation.page_last                 15573 
_citation.year                      1998 
_citation.journal_id_ASTM           JBCHA3 
_citation.country                   US 
_citation.journal_id_ISSN           0021-9258 
_citation.journal_id_CSD            0071 
_citation.book_publisher            ? 
_citation.pdbx_database_id_PubMed   9624147 
_citation.pdbx_database_id_DOI      10.1074/jbc.273.25.15565 
# 
loop_
_citation_author.citation_id 
_citation_author.name 
_citation_author.ordinal 
_citation_author.identifier_ORCID 
primary 'Beger, R.D.'  1 ? 
primary 'Bolton, P.H.' 2 ? 
# 
loop_
_entity.id 
_entity.type 
_entity.src_method 
_entity.pdbx_description 
_entity.formula_weight 
_entity.pdbx_number_of_molecules 
_entity.pdbx_ec 
_entity.pdbx_mutation 
_entity.pdbx_fragment 
_entity.details 
1 polymer syn 
;DNA (5'-D(*CP*GP*CP*GP*AP*AABP*AP*CP*GP*CP*C)-3')
;
3211.077 1 ? ? ? ? 
2 polymer syn 
;DNA (5'-D(*GP*GP*CP*GP*TP*CP*TP*CP*GP*CP*G)-3')
;
3366.184 1 ? ? ? ? 
3 water   nat water                                               18.015   1 ? ? ? ? 
# 
loop_
_entity_poly.entity_id 
_entity_poly.type 
_entity_poly.nstd_linkage 
_entity_poly.nstd_monomer 
_entity_poly.pdbx_seq_one_letter_code 
_entity_poly.pdbx_seq_one_letter_code_can 
_entity_poly.pdbx_strand_id 
_entity_poly.pdbx_target_identifier 
1 polydeoxyribonucleotide no yes '(DC)(DG)(DC)(DG)(DA)(AAB)(DA)(DC)(DG)(DC)(DC)' CGCGAXACGCC A ? 
2 polydeoxyribonucleotide no no  '(DG)(DG)(DC)(DG)(DT)(DC)(DT)(DC)(DG)(DC)(DG)'  GGCGTCTCGCG B ? 
# 
_pdbx_entity_nonpoly.entity_id   3 
_pdbx_entity_nonpoly.name        water 
_pdbx_entity_nonpoly.comp_id     HOH 
# 
loop_
_entity_poly_seq.entity_id 
_entity_poly_seq.num 
_entity_poly_seq.mon_id 
_entity_poly_seq.hetero 
1 1  DC  n 
1 2  DG  n 
1 3  DC  n 
1 4  DG  n 
1 5  DA  n 
1 6  AAB n 
1 7  DA  n 
1 8  DC  n 
1 9  DG  n 
1 10 DC  n 
1 11 DC  n 
2 1  DG  n 
2 2  DG  n 
2 3  DC  n 
2 4  DG  n 
2 5  DT  n 
2 6  DC  n 
2 7  DT  n 
2 8  DC  n 
2 9  DG  n 
2 10 DC  n 
2 11 DG  n 
# 
loop_
_chem_comp.id 
_chem_comp.type 
_chem_comp.mon_nstd_flag 
_chem_comp.name 
_chem_comp.pdbx_synonyms 
_chem_comp.formula 
_chem_comp.formula_weight 
AAB 'DNA linking' . "2'-DEOXY-RIBOFURANOSE-5'-MONOPHOSPHATE" 'ABASIC DEOXYRIBOSE' 'C5 H11 O7 P'     214.110 
DA  'DNA linking' y "2'-DEOXYADENOSINE-5'-MONOPHOSPHATE"     ?                    'C10 H14 N5 O6 P' 331.222 
DC  'DNA linking' y "2'-DEOXYCYTIDINE-5'-MONOPHOSPHATE"      ?                    'C9 H14 N3 O7 P'  307.197 
DG  'DNA linking' y "2'-DEOXYGUANOSINE-5'-MONOPHOSPHATE"     ?                    'C10 H14 N5 O7 P' 347.221 
DT  'DNA linking' y "THYMIDINE-5'-MONOPHOSPHATE"             ?                    'C10 H15 N2 O8 P' 322.208 
HOH non-polymer   . WATER                                    ?                    'H2 O'            18.015  
# 
loop_
_pdbx_poly_seq_scheme.asym_id 
_pdbx_poly_seq_scheme.entity_id 
_pdbx_poly_seq_scheme.seq_id 
_pdbx_poly_seq_scheme.mon_id 
_pdbx_poly_seq_scheme.ndb_seq_num 
_pdbx_poly_seq_scheme.pdb_seq_num 
_pdbx_poly_seq_scheme.auth_seq_num 
_pdbx_poly_seq_scheme.pdb_mon_id 
_pdbx_poly_seq_scheme.auth_mon_id 
_pdbx_poly_seq_scheme.pdb_strand_id 
_pdbx_poly_seq_scheme.pdb_ins_code 
_pdbx_poly_seq_scheme.hetero 
A 1 1  DC  1  1  1  DC  C   A . n 
A 1 2  DG  2  2  2  DG  G   A . n 
A 1 3  DC  3  3  3  DC  C   A . n 
A 1 4  DG  4  4  4  DG  G   A . n 
A 1 5  DA  5  5  5  DA  A   A . n 
A 1 6  AAB 6  6  6  AAB AAB A . n 
A 1 7  DA  7  7  7  DA  A   A . n 
A 1 8  DC  8  8  8  DC  C   A . n 
A 1 9  DG  9  9  9  DG  G   A . n 
A 1 10 DC  10 10 10 DC  C   A . n 
A 1 11 DC  11 11 11 DC  C   A . n 
B 2 1  DG  1  12 12 DG  G   B . n 
B 2 2  DG  2  13 13 DG  G   B . n 
B 2 3  DC  3  14 14 DC  C   B . n 
B 2 4  DG  4  15 15 DG  G   B . n 
B 2 5  DT  5  16 16 DT  T   B . n 
B 2 6  DC  6  17 17 DC  C   B . n 
B 2 7  DT  7  18 18 DT  T   B . n 
B 2 8  DC  8  19 19 DC  C   B . n 
B 2 9  DG  9  20 20 DG  G   B . n 
B 2 10 DC  10 21 21 DC  C   B . n 
B 2 11 DG  11 22 22 DG  G   B . n 
# 
_pdbx_nonpoly_scheme.asym_id         C 
_pdbx_nonpoly_scheme.entity_id       3 
_pdbx_nonpoly_scheme.mon_id          HOH 
_pdbx_nonpoly_scheme.ndb_seq_num     1 
_pdbx_nonpoly_scheme.pdb_seq_num     23 
_pdbx_nonpoly_scheme.auth_seq_num    23 
_pdbx_nonpoly_scheme.pdb_mon_id      HOH 
_pdbx_nonpoly_scheme.auth_mon_id     HOH 
_pdbx_nonpoly_scheme.pdb_strand_id   A 
_pdbx_nonpoly_scheme.pdb_ins_code    . 
# 
loop_
_software.name 
_software.classification 
_software.version 
_software.citation_id 
_software.pdbx_ordinal 
X-PLOR 'model building' 3.1 ? 1 
X-PLOR refinement       3.1 ? 2 
X-PLOR phasing          3.1 ? 3 
# 
_cell.entry_id           1A9H 
_cell.length_a           1.000 
_cell.length_b           1.000 
_cell.length_c           1.000 
_cell.angle_alpha        90.00 
_cell.angle_beta         90.00 
_cell.angle_gamma        90.00 
_cell.Z_PDB              1 
_cell.pdbx_unique_axis   ? 
# 
_symmetry.entry_id                         1A9H 
_symmetry.space_group_name_H-M             'P 1' 
_symmetry.pdbx_full_space_group_name_H-M   ? 
_symmetry.cell_setting                     ? 
_symmetry.Int_Tables_number                1 
# 
_exptl.entry_id          1A9H 
_exptl.method            'SOLUTION NMR' 
_exptl.crystals_number   ? 
# 
_struct.entry_id                  1A9H 
_struct.title                     
'APURINIC DNA WITH BOUND WATER AT THE DAMAGED SITE AND O2 OF CYTOSINE, BETA FORM, NMR, 1 STRUCTURE' 
_struct.pdbx_model_details        ? 
_struct.pdbx_CASP_flag            ? 
_struct.pdbx_model_type_details   ? 
# 
_struct_keywords.entry_id        1A9H 
_struct_keywords.pdbx_keywords   DNA 
_struct_keywords.text            'DAMAGED DNA, APURINIC DNA, WATER, DNA' 
# 
loop_
_struct_asym.id 
_struct_asym.pdbx_blank_PDB_chainid_flag 
_struct_asym.pdbx_modified 
_struct_asym.entity_id 
_struct_asym.details 
A N N 1 ? 
B N N 2 ? 
C N N 3 ? 
# 
loop_
_struct_ref.id 
_struct_ref.entity_id 
_struct_ref.db_name 
_struct_ref.db_code 
_struct_ref.pdbx_db_accession 
_struct_ref.pdbx_db_isoform 
_struct_ref.pdbx_seq_one_letter_code 
_struct_ref.pdbx_align_begin 
1 1 PDB 1A9H 1A9H ? ? ? 
2 2 PDB 1A9H 1A9H ? ? ? 
# 
loop_
_struct_ref_seq.align_id 
_struct_ref_seq.ref_id 
_struct_ref_seq.pdbx_PDB_id_code 
_struct_ref_seq.pdbx_strand_id 
_struct_ref_seq.seq_align_beg 
_struct_ref_seq.pdbx_seq_align_beg_ins_code 
_struct_ref_seq.seq_align_end 
_struct_ref_seq.pdbx_seq_align_end_ins_code 
_struct_ref_seq.pdbx_db_accession 
_struct_ref_seq.db_align_beg 
_struct_ref_seq.pdbx_db_align_beg_ins_code 
_struct_ref_seq.db_align_end 
_struct_ref_seq.pdbx_db_align_end_ins_code 
_struct_ref_seq.pdbx_auth_seq_align_beg 
_struct_ref_seq.pdbx_auth_seq_align_end 
1 1 1A9H A 1 ? 11 ? 1A9H 1  ? 11 ? 1  11 
2 2 1A9H B 1 ? 11 ? 1A9H 12 ? 22 ? 12 22 
# 
_pdbx_struct_assembly.id                   1 
_pdbx_struct_assembly.details              author_defined_assembly 
_pdbx_struct_assembly.method_details       ? 
_pdbx_struct_assembly.oligomeric_details   dimeric 
_pdbx_struct_assembly.oligomeric_count     2 
# 
_pdbx_struct_assembly_gen.assembly_id       1 
_pdbx_struct_assembly_gen.oper_expression   1 
_pdbx_struct_assembly_gen.asym_id_list      A,B,C 
# 
_pdbx_struct_oper_list.id                   1 
_pdbx_struct_oper_list.type                 'identity operation' 
_pdbx_struct_oper_list.name                 1_555 
_pdbx_struct_oper_list.symmetry_operation   x,y,z 
_pdbx_struct_oper_list.matrix[1][1]         1.0000000000 
_pdbx_struct_oper_list.matrix[1][2]         0.0000000000 
_pdbx_struct_oper_list.matrix[1][3]         0.0000000000 
_pdbx_struct_oper_list.vector[1]            0.0000000000 
_pdbx_struct_oper_list.matrix[2][1]         0.0000000000 
_pdbx_struct_oper_list.matrix[2][2]         1.0000000000 
_pdbx_struct_oper_list.matrix[2][3]         0.0000000000 
_pdbx_struct_oper_list.vector[2]            0.0000000000 
_pdbx_struct_oper_list.matrix[3][1]         0.0000000000 
_pdbx_struct_oper_list.matrix[3][2]         0.0000000000 
_pdbx_struct_oper_list.matrix[3][3]         1.0000000000 
_pdbx_struct_oper_list.vector[3]            0.0000000000 
# 
_struct_biol.id   1 
# 
loop_
_struct_conn.id 
_struct_conn.conn_type_id 
_struct_conn.pdbx_leaving_atom_flag 
_struct_conn.pdbx_PDB_id 
_struct_conn.ptnr1_label_asym_id 
_struct_conn.ptnr1_label_comp_id 
_struct_conn.ptnr1_label_seq_id 
_struct_conn.ptnr1_label_atom_id 
_struct_conn.pdbx_ptnr1_label_alt_id 
_struct_conn.pdbx_ptnr1_PDB_ins_code 
_struct_conn.pdbx_ptnr1_standard_comp_id 
_struct_conn.ptnr1_symmetry 
_struct_conn.ptnr2_label_asym_id 
_struct_conn.ptnr2_label_comp_id 
_struct_conn.ptnr2_label_seq_id 
_struct_conn.ptnr2_label_atom_id 
_struct_conn.pdbx_ptnr2_label_alt_id 
_struct_conn.pdbx_ptnr2_PDB_ins_code 
_struct_conn.ptnr1_auth_asym_id 
_struct_conn.ptnr1_auth_comp_id 
_struct_conn.ptnr1_auth_seq_id 
_struct_conn.ptnr2_auth_asym_id 
_struct_conn.ptnr2_auth_comp_id 
_struct_conn.ptnr2_auth_seq_id 
_struct_conn.ptnr2_symmetry 
_struct_conn.pdbx_ptnr3_label_atom_id 
_struct_conn.pdbx_ptnr3_label_seq_id 
_struct_conn.pdbx_ptnr3_label_comp_id 
_struct_conn.pdbx_ptnr3_label_asym_id 
_struct_conn.pdbx_ptnr3_label_alt_id 
_struct_conn.pdbx_ptnr3_PDB_ins_code 
_struct_conn.details 
_struct_conn.pdbx_dist_value 
_struct_conn.pdbx_value_order 
_struct_conn.pdbx_role 
covale1  covale one ? A DA  5  "O3'" ? ? ? 1_555 A AAB 6  P  ? ? A DA  5  A AAB 6  1_555 ? ? ? ? ? ? ?            1.585 ? ? 
covale2  covale one ? A AAB 6  "O3'" ? ? ? 1_555 A DA  7  P  ? ? A AAB 6  A DA  7  1_555 ? ? ? ? ? ? ?            1.578 ? ? 
hydrog1  hydrog ?   ? A DC  1  N3    ? ? ? 1_555 B DG  11 N1 ? ? A DC  1  B DG  22 1_555 ? ? ? ? ? ? WATSON-CRICK ?     ? ? 
hydrog2  hydrog ?   ? A DC  1  N4    ? ? ? 1_555 B DG  11 O6 ? ? A DC  1  B DG  22 1_555 ? ? ? ? ? ? WATSON-CRICK ?     ? ? 
hydrog3  hydrog ?   ? A DC  1  O2    ? ? ? 1_555 B DG  11 N2 ? ? A DC  1  B DG  22 1_555 ? ? ? ? ? ? WATSON-CRICK ?     ? ? 
hydrog4  hydrog ?   ? A DG  2  N1    ? ? ? 1_555 B DC  10 N3 ? ? A DG  2  B DC  21 1_555 ? ? ? ? ? ? WATSON-CRICK ?     ? ? 
hydrog5  hydrog ?   ? A DG  2  N2    ? ? ? 1_555 B DC  10 O2 ? ? A DG  2  B DC  21 1_555 ? ? ? ? ? ? WATSON-CRICK ?     ? ? 
hydrog6  hydrog ?   ? A DG  2  O6    ? ? ? 1_555 B DC  10 N4 ? ? A DG  2  B DC  21 1_555 ? ? ? ? ? ? WATSON-CRICK ?     ? ? 
hydrog7  hydrog ?   ? A DC  3  N3    ? ? ? 1_555 B DG  9  N1 ? ? A DC  3  B DG  20 1_555 ? ? ? ? ? ? WATSON-CRICK ?     ? ? 
hydrog8  hydrog ?   ? A DC  3  N4    ? ? ? 1_555 B DG  9  O6 ? ? A DC  3  B DG  20 1_555 ? ? ? ? ? ? WATSON-CRICK ?     ? ? 
hydrog9  hydrog ?   ? A DC  3  O2    ? ? ? 1_555 B DG  9  N2 ? ? A DC  3  B DG  20 1_555 ? ? ? ? ? ? WATSON-CRICK ?     ? ? 
hydrog10 hydrog ?   ? A DG  4  N1    ? ? ? 1_555 B DC  8  N3 ? ? A DG  4  B DC  19 1_555 ? ? ? ? ? ? WATSON-CRICK ?     ? ? 
hydrog11 hydrog ?   ? A DG  4  N2    ? ? ? 1_555 B DC  8  O2 ? ? A DG  4  B DC  19 1_555 ? ? ? ? ? ? WATSON-CRICK ?     ? ? 
hydrog12 hydrog ?   ? A DG  4  O6    ? ? ? 1_555 B DC  8  N4 ? ? A DG  4  B DC  19 1_555 ? ? ? ? ? ? WATSON-CRICK ?     ? ? 
hydrog13 hydrog ?   ? A DA  5  N1    ? ? ? 1_555 B DT  7  N3 ? ? A DA  5  B DT  18 1_555 ? ? ? ? ? ? WATSON-CRICK ?     ? ? 
hydrog14 hydrog ?   ? A DA  5  N6    ? ? ? 1_555 B DT  7  O4 ? ? A DA  5  B DT  18 1_555 ? ? ? ? ? ? WATSON-CRICK ?     ? ? 
hydrog15 hydrog ?   ? A DA  7  N1    ? ? ? 1_555 B DT  5  N3 ? ? A DA  7  B DT  16 1_555 ? ? ? ? ? ? WATSON-CRICK ?     ? ? 
hydrog16 hydrog ?   ? A DA  7  N6    ? ? ? 1_555 B DT  5  O4 ? ? A DA  7  B DT  16 1_555 ? ? ? ? ? ? WATSON-CRICK ?     ? ? 
hydrog17 hydrog ?   ? A DC  8  N3    ? ? ? 1_555 B DG  4  N1 ? ? A DC  8  B DG  15 1_555 ? ? ? ? ? ? WATSON-CRICK ?     ? ? 
hydrog18 hydrog ?   ? A DC  8  N4    ? ? ? 1_555 B DG  4  O6 ? ? A DC  8  B DG  15 1_555 ? ? ? ? ? ? WATSON-CRICK ?     ? ? 
hydrog19 hydrog ?   ? A DC  8  O2    ? ? ? 1_555 B DG  4  N2 ? ? A DC  8  B DG  15 1_555 ? ? ? ? ? ? WATSON-CRICK ?     ? ? 
hydrog20 hydrog ?   ? A DG  9  N1    ? ? ? 1_555 B DC  3  N3 ? ? A DG  9  B DC  14 1_555 ? ? ? ? ? ? WATSON-CRICK ?     ? ? 
hydrog21 hydrog ?   ? A DG  9  N2    ? ? ? 1_555 B DC  3  O2 ? ? A DG  9  B DC  14 1_555 ? ? ? ? ? ? WATSON-CRICK ?     ? ? 
hydrog22 hydrog ?   ? A DG  9  O6    ? ? ? 1_555 B DC  3  N4 ? ? A DG  9  B DC  14 1_555 ? ? ? ? ? ? WATSON-CRICK ?     ? ? 
hydrog23 hydrog ?   ? A DC  10 N3    ? ? ? 1_555 B DG  2  N1 ? ? A DC  10 B DG  13 1_555 ? ? ? ? ? ? WATSON-CRICK ?     ? ? 
hydrog24 hydrog ?   ? A DC  10 N4    ? ? ? 1_555 B DG  2  O6 ? ? A DC  10 B DG  13 1_555 ? ? ? ? ? ? WATSON-CRICK ?     ? ? 
hydrog25 hydrog ?   ? A DC  10 O2    ? ? ? 1_555 B DG  2  N2 ? ? A DC  10 B DG  13 1_555 ? ? ? ? ? ? WATSON-CRICK ?     ? ? 
hydrog26 hydrog ?   ? A DC  11 N3    ? ? ? 1_555 B DG  1  N1 ? ? A DC  11 B DG  12 1_555 ? ? ? ? ? ? WATSON-CRICK ?     ? ? 
hydrog27 hydrog ?   ? A DC  11 N4    ? ? ? 1_555 B DG  1  O6 ? ? A DC  11 B DG  12 1_555 ? ? ? ? ? ? WATSON-CRICK ?     ? ? 
hydrog28 hydrog ?   ? A DC  11 O2    ? ? ? 1_555 B DG  1  N2 ? ? A DC  11 B DG  12 1_555 ? ? ? ? ? ? WATSON-CRICK ?     ? ? 
# 
loop_
_struct_conn_type.id 
_struct_conn_type.criteria 
_struct_conn_type.reference 
covale ? ? 
hydrog ? ? 
# 
_pdbx_validate_close_contact.id               1 
_pdbx_validate_close_contact.PDB_model_num    1 
_pdbx_validate_close_contact.auth_atom_id_1   "O1'" 
_pdbx_validate_close_contact.auth_asym_id_1   A 
_pdbx_validate_close_contact.auth_comp_id_1   AAB 
_pdbx_validate_close_contact.auth_seq_id_1    6 
_pdbx_validate_close_contact.PDB_ins_code_1   ? 
_pdbx_validate_close_contact.label_alt_id_1   ? 
_pdbx_validate_close_contact.auth_atom_id_2   H1 
_pdbx_validate_close_contact.auth_asym_id_2   A 
_pdbx_validate_close_contact.auth_comp_id_2   HOH 
_pdbx_validate_close_contact.auth_seq_id_2    23 
_pdbx_validate_close_contact.PDB_ins_code_2   ? 
_pdbx_validate_close_contact.label_alt_id_2   ? 
_pdbx_validate_close_contact.dist             1.59 
# 
loop_
_pdbx_validate_rmsd_bond.id 
_pdbx_validate_rmsd_bond.PDB_model_num 
_pdbx_validate_rmsd_bond.auth_atom_id_1 
_pdbx_validate_rmsd_bond.auth_asym_id_1 
_pdbx_validate_rmsd_bond.auth_comp_id_1 
_pdbx_validate_rmsd_bond.auth_seq_id_1 
_pdbx_validate_rmsd_bond.PDB_ins_code_1 
_pdbx_validate_rmsd_bond.label_alt_id_1 
_pdbx_validate_rmsd_bond.auth_atom_id_2 
_pdbx_validate_rmsd_bond.auth_asym_id_2 
_pdbx_validate_rmsd_bond.auth_comp_id_2 
_pdbx_validate_rmsd_bond.auth_seq_id_2 
_pdbx_validate_rmsd_bond.PDB_ins_code_2 
_pdbx_validate_rmsd_bond.label_alt_id_2 
_pdbx_validate_rmsd_bond.bond_value 
_pdbx_validate_rmsd_bond.bond_target_value 
_pdbx_validate_rmsd_bond.bond_deviation 
_pdbx_validate_rmsd_bond.bond_standard_deviation 
_pdbx_validate_rmsd_bond.linker_flag 
1  1 "C5'" A DC 1  ? ? "C4'" A DC 1  ? ? 1.424 1.509 -0.085 0.011 N 
2  1 "C4'" A DC 1  ? ? "C3'" A DC 1  ? ? 1.431 1.521 -0.090 0.010 N 
3  1 "C3'" A DC 1  ? ? "C2'" A DC 1  ? ? 1.385 1.516 -0.131 0.008 N 
4  1 "C2'" A DC 1  ? ? "C1'" A DC 1  ? ? 1.397 1.518 -0.121 0.010 N 
5  1 "O4'" A DC 1  ? ? "C4'" A DC 1  ? ? 1.288 1.446 -0.158 0.010 N 
6  1 "C1'" A DC 1  ? ? N1    A DC 1  ? ? 1.383 1.468 -0.085 0.014 N 
7  1 C4    A DC 1  ? ? N4    A DC 1  ? ? 1.244 1.335 -0.091 0.009 N 
8  1 N1    A DC 1  ? ? C6    A DC 1  ? ? 1.330 1.367 -0.037 0.006 N 
9  1 C2    A DC 1  ? ? N3    A DC 1  ? ? 1.268 1.353 -0.085 0.008 N 
10 1 C5    A DC 1  ? ? C6    A DC 1  ? ? 1.257 1.339 -0.082 0.008 N 
11 1 P     A DG 2  ? ? OP1   A DG 2  ? ? 1.323 1.485 -0.162 0.017 N 
12 1 P     A DG 2  ? ? OP2   A DG 2  ? ? 1.308 1.485 -0.177 0.017 N 
13 1 P     A DG 2  ? ? "O5'" A DG 2  ? ? 1.485 1.593 -0.108 0.010 N 
14 1 "C5'" A DG 2  ? ? "C4'" A DG 2  ? ? 1.420 1.509 -0.089 0.011 N 
15 1 "C3'" A DG 2  ? ? "C2'" A DG 2  ? ? 1.455 1.516 -0.061 0.008 N 
16 1 "C2'" A DG 2  ? ? "C1'" A DG 2  ? ? 1.455 1.518 -0.063 0.010 N 
17 1 "O4'" A DG 2  ? ? "C4'" A DG 2  ? ? 1.381 1.446 -0.065 0.010 N 
18 1 C2    A DG 2  ? ? N3    A DG 2  ? ? 1.269 1.323 -0.054 0.008 N 
19 1 C5    A DG 2  ? ? N7    A DG 2  ? ? 1.350 1.388 -0.038 0.006 N 
20 1 N9    A DG 2  ? ? C4    A DG 2  ? ? 1.305 1.375 -0.070 0.008 N 
21 1 P     A DC 3  ? ? OP2   A DC 3  ? ? 1.334 1.485 -0.151 0.017 N 
22 1 P     A DC 3  ? ? "O5'" A DC 3  ? ? 1.489 1.593 -0.104 0.010 N 
23 1 "C5'" A DC 3  ? ? "C4'" A DC 3  ? ? 1.424 1.509 -0.085 0.011 N 
24 1 "O3'" A DC 3  ? ? "C3'" A DC 3  ? ? 1.382 1.419 -0.037 0.006 N 
25 1 C2    A DC 3  ? ? O2    A DC 3  ? ? 1.178 1.240 -0.062 0.009 N 
26 1 N1    A DC 3  ? ? C2    A DC 3  ? ? 1.332 1.397 -0.065 0.010 N 
27 1 N1    A DC 3  ? ? C6    A DC 3  ? ? 1.310 1.367 -0.057 0.006 N 
28 1 N3    A DC 3  ? ? C4    A DC 3  ? ? 1.280 1.335 -0.055 0.007 N 
29 1 C4    A DC 3  ? ? C5    A DC 3  ? ? 1.374 1.425 -0.051 0.008 N 
30 1 "O3'" A DC 8  ? ? P     A DG 9  ? ? 1.528 1.607 -0.079 0.012 Y 
31 1 P     A DG 9  ? ? OP1   A DG 9  ? ? 1.382 1.485 -0.103 0.017 N 
32 1 P     A DG 9  ? ? OP2   A DG 9  ? ? 1.366 1.485 -0.119 0.017 N 
33 1 "C3'" A DG 9  ? ? "C2'" A DG 9  ? ? 1.426 1.516 -0.090 0.008 N 
34 1 "C2'" A DG 9  ? ? "C1'" A DG 9  ? ? 1.427 1.518 -0.091 0.010 N 
35 1 "O4'" A DG 9  ? ? "C1'" A DG 9  ? ? 1.341 1.418 -0.077 0.012 N 
36 1 "O4'" A DG 9  ? ? "C4'" A DG 9  ? ? 1.369 1.446 -0.077 0.010 N 
37 1 N1    A DG 9  ? ? C2    A DG 9  ? ? 1.315 1.373 -0.058 0.008 N 
38 1 C4    A DG 9  ? ? C5    A DG 9  ? ? 1.310 1.379 -0.069 0.007 N 
39 1 N7    A DG 9  ? ? C8    A DG 9  ? ? 1.257 1.305 -0.048 0.006 N 
40 1 C8    A DG 9  ? ? N9    A DG 9  ? ? 1.331 1.374 -0.043 0.007 N 
41 1 C6    A DG 9  ? ? O6    A DG 9  ? ? 1.176 1.237 -0.061 0.009 N 
42 1 P     A DC 10 ? ? "O5'" A DC 10 ? ? 1.520 1.593 -0.073 0.010 N 
43 1 "O5'" A DC 10 ? ? "C5'" A DC 10 ? ? 1.180 1.418 -0.238 0.025 N 
44 1 "C3'" A DC 10 ? ? "C2'" A DC 10 ? ? 1.443 1.516 -0.073 0.008 N 
45 1 "C2'" A DC 10 ? ? "C1'" A DC 10 ? ? 1.434 1.518 -0.084 0.010 N 
46 1 "O4'" A DC 10 ? ? "C4'" A DC 10 ? ? 1.365 1.446 -0.081 0.010 N 
47 1 N1    A DC 10 ? ? C2    A DC 10 ? ? 1.329 1.397 -0.068 0.010 N 
48 1 C4    A DC 10 ? ? C5    A DC 10 ? ? 1.367 1.425 -0.058 0.008 N 
49 1 "O3'" A DC 10 ? ? P     A DC 11 ? ? 1.531 1.607 -0.076 0.012 Y 
50 1 "C3'" A DC 11 ? ? "C2'" A DC 11 ? ? 1.463 1.516 -0.053 0.008 N 
51 1 C2    A DC 11 ? ? O2    A DC 11 ? ? 1.180 1.240 -0.060 0.009 N 
52 1 N1    A DC 11 ? ? C2    A DC 11 ? ? 1.325 1.397 -0.072 0.010 N 
53 1 N1    A DC 11 ? ? C6    A DC 11 ? ? 1.323 1.367 -0.044 0.006 N 
54 1 N3    A DC 11 ? ? C4    A DC 11 ? ? 1.282 1.335 -0.053 0.007 N 
55 1 C4    A DC 11 ? ? C5    A DC 11 ? ? 1.356 1.425 -0.069 0.008 N 
56 1 "C5'" B DG 12 ? ? "C4'" B DG 12 ? ? 1.437 1.509 -0.072 0.011 N 
57 1 "C4'" B DG 12 ? ? "C3'" B DG 12 ? ? 1.415 1.521 -0.106 0.010 N 
58 1 "C3'" B DG 12 ? ? "C2'" B DG 12 ? ? 1.429 1.516 -0.087 0.008 N 
59 1 "C2'" B DG 12 ? ? "C1'" B DG 12 ? ? 1.396 1.518 -0.122 0.010 N 
60 1 "O4'" B DG 12 ? ? "C1'" B DG 12 ? ? 1.334 1.418 -0.084 0.012 N 
61 1 "O4'" B DG 12 ? ? "C4'" B DG 12 ? ? 1.349 1.446 -0.097 0.010 N 
62 1 N1    B DG 12 ? ? C2    B DG 12 ? ? 1.312 1.373 -0.061 0.008 N 
63 1 C2    B DG 12 ? ? N3    B DG 12 ? ? 1.269 1.323 -0.054 0.008 N 
64 1 C4    B DG 12 ? ? C5    B DG 12 ? ? 1.310 1.379 -0.069 0.007 N 
65 1 C5    B DG 12 ? ? C6    B DG 12 ? ? 1.347 1.419 -0.072 0.010 N 
66 1 C6    B DG 12 ? ? N1    B DG 12 ? ? 1.347 1.391 -0.044 0.007 N 
67 1 N7    B DG 12 ? ? C8    B DG 12 ? ? 1.232 1.305 -0.073 0.006 N 
68 1 N9    B DG 12 ? ? C4    B DG 12 ? ? 1.310 1.375 -0.065 0.008 N 
69 1 C6    B DG 12 ? ? O6    B DG 12 ? ? 1.167 1.237 -0.070 0.009 N 
70 1 "O3'" B DG 12 ? ? P     B DG 13 ? ? 1.494 1.607 -0.113 0.012 Y 
71 1 P     B DG 13 ? ? OP2   B DG 13 ? ? 1.379 1.485 -0.106 0.017 N 
72 1 P     B DG 13 ? ? "O5'" B DG 13 ? ? 1.461 1.593 -0.132 0.010 N 
73 1 "C5'" B DG 13 ? ? "C4'" B DG 13 ? ? 1.419 1.509 -0.090 0.011 N 
74 1 "O3'" B DG 13 ? ? "C3'" B DG 13 ? ? 1.371 1.419 -0.048 0.006 N 
75 1 "C4'" B DC 21 ? ? "C3'" B DC 21 ? ? 1.457 1.521 -0.064 0.010 N 
76 1 "C3'" B DC 21 ? ? "C2'" B DC 21 ? ? 1.446 1.516 -0.070 0.008 N 
77 1 "O4'" B DC 21 ? ? "C4'" B DC 21 ? ? 1.382 1.446 -0.064 0.010 N 
78 1 "O3'" B DC 21 ? ? "C3'" B DC 21 ? ? 1.381 1.419 -0.038 0.006 N 
79 1 "O3'" B DC 21 ? ? P     B DG 22 ? ? 1.498 1.607 -0.109 0.012 Y 
80 1 P     B DG 22 ? ? "O5'" B DG 22 ? ? 1.532 1.593 -0.061 0.010 N 
81 1 "C5'" B DG 22 ? ? "C4'" B DG 22 ? ? 1.399 1.509 -0.110 0.011 N 
82 1 "C4'" B DG 22 ? ? "C3'" B DG 22 ? ? 1.334 1.521 -0.187 0.010 N 
83 1 "C3'" B DG 22 ? ? "C2'" B DG 22 ? ? 1.390 1.516 -0.126 0.008 N 
84 1 "C2'" B DG 22 ? ? "C1'" B DG 22 ? ? 1.323 1.518 -0.195 0.010 N 
85 1 "O4'" B DG 22 ? ? "C1'" B DG 22 ? ? 1.343 1.418 -0.075 0.012 N 
86 1 "O4'" B DG 22 ? ? "C4'" B DG 22 ? ? 1.345 1.446 -0.101 0.010 N 
87 1 "O3'" B DG 22 ? ? "C3'" B DG 22 ? ? 1.256 1.419 -0.163 0.006 N 
88 1 N3    B DG 22 ? ? C4    B DG 22 ? ? 1.286 1.350 -0.064 0.007 N 
89 1 C4    B DG 22 ? ? C5    B DG 22 ? ? 1.325 1.379 -0.054 0.007 N 
90 1 C6    B DG 22 ? ? N1    B DG 22 ? ? 1.309 1.391 -0.082 0.007 N 
91 1 C5    B DG 22 ? ? N7    B DG 22 ? ? 1.327 1.388 -0.061 0.006 N 
92 1 C8    B DG 22 ? ? N9    B DG 22 ? ? 1.304 1.374 -0.070 0.007 N 
93 1 N9    B DG 22 ? ? C4    B DG 22 ? ? 1.309 1.375 -0.066 0.008 N 
94 1 C2    B DG 22 ? ? N2    B DG 22 ? ? 1.255 1.341 -0.086 0.010 N 
# 
loop_
_pdbx_validate_rmsd_angle.id 
_pdbx_validate_rmsd_angle.PDB_model_num 
_pdbx_validate_rmsd_angle.auth_atom_id_1 
_pdbx_validate_rmsd_angle.auth_asym_id_1 
_pdbx_validate_rmsd_angle.auth_comp_id_1 
_pdbx_validate_rmsd_angle.auth_seq_id_1 
_pdbx_validate_rmsd_angle.PDB_ins_code_1 
_pdbx_validate_rmsd_angle.label_alt_id_1 
_pdbx_validate_rmsd_angle.auth_atom_id_2 
_pdbx_validate_rmsd_angle.auth_asym_id_2 
_pdbx_validate_rmsd_angle.auth_comp_id_2 
_pdbx_validate_rmsd_angle.auth_seq_id_2 
_pdbx_validate_rmsd_angle.PDB_ins_code_2 
_pdbx_validate_rmsd_angle.label_alt_id_2 
_pdbx_validate_rmsd_angle.auth_atom_id_3 
_pdbx_validate_rmsd_angle.auth_asym_id_3 
_pdbx_validate_rmsd_angle.auth_comp_id_3 
_pdbx_validate_rmsd_angle.auth_seq_id_3 
_pdbx_validate_rmsd_angle.PDB_ins_code_3 
_pdbx_validate_rmsd_angle.label_alt_id_3 
_pdbx_validate_rmsd_angle.angle_value 
_pdbx_validate_rmsd_angle.angle_target_value 
_pdbx_validate_rmsd_angle.angle_deviation 
_pdbx_validate_rmsd_angle.angle_standard_deviation 
_pdbx_validate_rmsd_angle.linker_flag 
1  1 "O4'" A DC  1  ? ? "C4'" A DC  1  ? ? "C3'" A DC  1  ? ? 110.34 106.00 4.34  0.60 N 
2  1 "O4'" A DC  1  ? ? "C1'" A DC  1  ? ? "C2'" A DC  1  ? ? 100.51 105.90 -5.39 0.80 N 
3  1 C6    A DC  1  ? ? N1    A DC  1  ? ? C2    A DC  1  ? ? 122.85 120.30 2.55  0.40 N 
4  1 N1    A DC  1  ? ? C2    A DC  1  ? ? O2    A DC  1  ? ? 124.44 118.90 5.54  0.60 N 
5  1 "O4'" A DG  2  ? ? "C4'" A DG  2  ? ? "C3'" A DG  2  ? ? 109.76 106.00 3.76  0.60 N 
6  1 "C4'" A DG  2  ? ? "C3'" A DG  2  ? ? "C2'" A DG  2  ? ? 96.20  102.20 -6.00 0.70 N 
7  1 "C3'" A DG  2  ? ? "O3'" A DG  2  ? ? P     A DC  3  ? ? 127.64 119.70 7.94  1.20 Y 
8  1 "O4'" A DC  3  ? ? "C4'" A DC  3  ? ? "C3'" A DC  3  ? ? 109.97 106.00 3.97  0.60 N 
9  1 N3    A DC  3  ? ? C4    A DC  3  ? ? C5    A DC  3  ? ? 119.31 121.90 -2.59 0.40 N 
10 1 "C3'" A DC  3  ? ? "O3'" A DC  3  ? ? P     A DG  4  ? ? 130.06 119.70 10.36 1.20 Y 
11 1 "O4'" A DG  4  ? ? "C1'" A DG  4  ? ? "C2'" A DG  4  ? ? 101.03 105.90 -4.87 0.80 N 
12 1 "O4'" A DG  4  ? ? "C1'" A DG  4  ? ? N9    A DG  4  ? ? 110.48 108.30 2.18  0.30 N 
13 1 "O4'" A DA  5  ? ? "C1'" A DA  5  ? ? N9    A DA  5  ? ? 111.26 108.30 2.96  0.30 N 
14 1 "C3'" A DA  5  ? ? "O3'" A DA  5  ? ? P     A AAB 6  ? ? 127.60 119.70 7.90  1.20 Y 
15 1 "C3'" A AAB 6  ? ? "O3'" A AAB 6  ? ? P     A DA  7  ? ? 130.62 119.70 10.92 1.20 Y 
16 1 "O4'" A DC  8  ? ? "C1'" A DC  8  ? ? "C2'" A DC  8  ? ? 97.28  105.90 -8.62 0.80 N 
17 1 "O4'" A DG  9  ? ? "C1'" A DG  9  ? ? "C2'" A DG  9  ? ? 100.90 105.90 -5.00 0.80 N 
18 1 "O4'" A DG  9  ? ? "C1'" A DG  9  ? ? N9    A DG  9  ? ? 111.77 108.30 3.47  0.30 N 
19 1 P     A DC  10 ? ? "O5'" A DC  10 ? ? "C5'" A DC  10 ? ? 137.16 120.90 16.26 1.60 N 
20 1 "O4'" A DC  10 ? ? "C1'" A DC  10 ? ? N1    A DC  10 ? ? 111.09 108.30 2.79  0.30 N 
21 1 "C4'" A DC  11 ? ? "C3'" A DC  11 ? ? "C2'" A DC  11 ? ? 97.78  102.20 -4.42 0.70 N 
22 1 "O4'" A DC  11 ? ? "C1'" A DC  11 ? ? N1    A DC  11 ? ? 112.12 108.30 3.82  0.30 N 
23 1 "O4'" B DG  12 ? ? "C1'" B DG  12 ? ? N9    B DG  12 ? ? 111.93 108.30 3.63  0.30 N 
24 1 "O4'" B DG  13 ? ? "C1'" B DG  13 ? ? N9    B DG  13 ? ? 111.06 108.30 2.76  0.30 N 
25 1 "O4'" B DC  19 ? ? "C1'" B DC  19 ? ? N1    B DC  19 ? ? 111.00 108.30 2.70  0.30 N 
26 1 "C3'" B DC  19 ? ? "O3'" B DC  19 ? ? P     B DG  20 ? ? 131.93 119.70 12.23 1.20 Y 
27 1 "O4'" B DG  20 ? ? "C1'" B DG  20 ? ? N9    B DG  20 ? ? 110.97 108.30 2.67  0.30 N 
28 1 N1    B DC  21 ? ? C2    B DC  21 ? ? O2    B DC  21 ? ? 122.53 118.90 3.63  0.60 N 
29 1 "C3'" B DC  21 ? ? "O3'" B DC  21 ? ? P     B DG  22 ? ? 127.87 119.70 8.17  1.20 Y 
30 1 "O4'" B DG  22 ? ? "C4'" B DG  22 ? ? "C3'" B DG  22 ? ? 99.45  104.50 -5.05 0.40 N 
31 1 "C5'" B DG  22 ? ? "C4'" B DG  22 ? ? "O4'" B DG  22 ? ? 116.45 109.80 6.65  1.10 N 
32 1 "O4'" B DG  22 ? ? "C1'" B DG  22 ? ? N9    B DG  22 ? ? 116.76 108.30 8.46  0.30 N 
# 
_pdbx_validate_chiral.id              1 
_pdbx_validate_chiral.PDB_model_num   1 
_pdbx_validate_chiral.auth_atom_id    "C3'" 
_pdbx_validate_chiral.label_alt_id    ? 
_pdbx_validate_chiral.auth_asym_id    B 
_pdbx_validate_chiral.auth_comp_id    DG 
_pdbx_validate_chiral.auth_seq_id     22 
_pdbx_validate_chiral.PDB_ins_code    ? 
_pdbx_validate_chiral.details         'WRONG HAND' 
_pdbx_validate_chiral.omega           . 
# 
_pdbx_nmr_ensemble.entry_id                             1A9H 
_pdbx_nmr_ensemble.conformers_calculated_total_number   100 
_pdbx_nmr_ensemble.conformers_submitted_total_number    1 
_pdbx_nmr_ensemble.conformer_selection_criteria         
'AVERAGE OF 5 STRUCTURES THAT THE NOESY BACKCALCULATION AGREES WITH EXPERIMENTAL NOESY' 
# 
_pdbx_nmr_sample_details.solution_id   1 
_pdbx_nmr_sample_details.contents      TRIS 
# 
_pdbx_nmr_exptl_sample_conditions.conditions_id       1 
_pdbx_nmr_exptl_sample_conditions.temperature         300 
_pdbx_nmr_exptl_sample_conditions.pressure            1 
_pdbx_nmr_exptl_sample_conditions.pH                  7.0 
_pdbx_nmr_exptl_sample_conditions.ionic_strength      '50 mM KCL' 
_pdbx_nmr_exptl_sample_conditions.pressure_units      atm 
_pdbx_nmr_exptl_sample_conditions.temperature_units   K 
# 
loop_
_pdbx_nmr_exptl.experiment_id 
_pdbx_nmr_exptl.conditions_id 
_pdbx_nmr_exptl.type 
_pdbx_nmr_exptl.solution_id 
1 1 NOESY       1 
2 1 PECOSY      1 
3 1 TOCSY       1 
4 1 ROESY       1 
5 1 QUIET-NOESY 1 
# 
_pdbx_nmr_details.entry_id   1A9H 
_pdbx_nmr_details.text       
;100MS NOESY, 250MS NOESY 250MS QUIETNOESY 70MS BAND-SELECTIVE J TOCSY FOR PHOSPHOROUS "J SCALE" SET TO 2 AND 3
;
# 
_pdbx_nmr_refine.entry_id           1A9H 
_pdbx_nmr_refine.method             'matrix relaxation' 
_pdbx_nmr_refine.details            ? 
_pdbx_nmr_refine.software_ordinal   1 
# 
loop_
_pdbx_nmr_software.classification 
_pdbx_nmr_software.name 
_pdbx_nmr_software.version 
_pdbx_nmr_software.authors 
_pdbx_nmr_software.ordinal 
refinement           X-PLOR 3.1 BRUNGER 1 
'structure solution' VNMR   ?   ?       2 
# 
loop_
_chem_comp_atom.comp_id 
_chem_comp_atom.atom_id 
_chem_comp_atom.type_symbol 
_chem_comp_atom.pdbx_aromatic_flag 
_chem_comp_atom.pdbx_stereo_config 
_chem_comp_atom.pdbx_ordinal 
AAB P      P N N 1   
AAB O1P    O N N 2   
AAB O2P    O N N 3   
AAB O3P    O N N 4   
AAB "O5'"  O N N 5   
AAB "C5'"  C N N 6   
AAB "C4'"  C N R 7   
AAB "O4'"  O N N 8   
AAB "C1'"  C N R 9   
AAB "O1'"  O N N 10  
AAB "C2'"  C N N 11  
AAB "C3'"  C N S 12  
AAB "O3'"  O N N 13  
AAB H1P    H N N 14  
AAB H3P    H N N 15  
AAB "H5'1" H N N 16  
AAB "H5'2" H N N 17  
AAB "H4'"  H N N 18  
AAB "H1'"  H N N 19  
AAB "HO1'" H N N 20  
AAB "H2'1" H N N 21  
AAB "H2'2" H N N 22  
AAB "H3'"  H N N 23  
AAB "HO3'" H N N 24  
DA  OP3    O N N 25  
DA  P      P N N 26  
DA  OP1    O N N 27  
DA  OP2    O N N 28  
DA  "O5'"  O N N 29  
DA  "C5'"  C N N 30  
DA  "C4'"  C N R 31  
DA  "O4'"  O N N 32  
DA  "C3'"  C N S 33  
DA  "O3'"  O N N 34  
DA  "C2'"  C N N 35  
DA  "C1'"  C N R 36  
DA  N9     N Y N 37  
DA  C8     C Y N 38  
DA  N7     N Y N 39  
DA  C5     C Y N 40  
DA  C6     C Y N 41  
DA  N6     N N N 42  
DA  N1     N Y N 43  
DA  C2     C Y N 44  
DA  N3     N Y N 45  
DA  C4     C Y N 46  
DA  HOP3   H N N 47  
DA  HOP2   H N N 48  
DA  "H5'"  H N N 49  
DA  "H5''" H N N 50  
DA  "H4'"  H N N 51  
DA  "H3'"  H N N 52  
DA  "HO3'" H N N 53  
DA  "H2'"  H N N 54  
DA  "H2''" H N N 55  
DA  "H1'"  H N N 56  
DA  H8     H N N 57  
DA  H61    H N N 58  
DA  H62    H N N 59  
DA  H2     H N N 60  
DC  OP3    O N N 61  
DC  P      P N N 62  
DC  OP1    O N N 63  
DC  OP2    O N N 64  
DC  "O5'"  O N N 65  
DC  "C5'"  C N N 66  
DC  "C4'"  C N R 67  
DC  "O4'"  O N N 68  
DC  "C3'"  C N S 69  
DC  "O3'"  O N N 70  
DC  "C2'"  C N N 71  
DC  "C1'"  C N R 72  
DC  N1     N N N 73  
DC  C2     C N N 74  
DC  O2     O N N 75  
DC  N3     N N N 76  
DC  C4     C N N 77  
DC  N4     N N N 78  
DC  C5     C N N 79  
DC  C6     C N N 80  
DC  HOP3   H N N 81  
DC  HOP2   H N N 82  
DC  "H5'"  H N N 83  
DC  "H5''" H N N 84  
DC  "H4'"  H N N 85  
DC  "H3'"  H N N 86  
DC  "HO3'" H N N 87  
DC  "H2'"  H N N 88  
DC  "H2''" H N N 89  
DC  "H1'"  H N N 90  
DC  H41    H N N 91  
DC  H42    H N N 92  
DC  H5     H N N 93  
DC  H6     H N N 94  
DG  OP3    O N N 95  
DG  P      P N N 96  
DG  OP1    O N N 97  
DG  OP2    O N N 98  
DG  "O5'"  O N N 99  
DG  "C5'"  C N N 100 
DG  "C4'"  C N R 101 
DG  "O4'"  O N N 102 
DG  "C3'"  C N S 103 
DG  "O3'"  O N N 104 
DG  "C2'"  C N N 105 
DG  "C1'"  C N R 106 
DG  N9     N Y N 107 
DG  C8     C Y N 108 
DG  N7     N Y N 109 
DG  C5     C Y N 110 
DG  C6     C N N 111 
DG  O6     O N N 112 
DG  N1     N N N 113 
DG  C2     C N N 114 
DG  N2     N N N 115 
DG  N3     N N N 116 
DG  C4     C Y N 117 
DG  HOP3   H N N 118 
DG  HOP2   H N N 119 
DG  "H5'"  H N N 120 
DG  "H5''" H N N 121 
DG  "H4'"  H N N 122 
DG  "H3'"  H N N 123 
DG  "HO3'" H N N 124 
DG  "H2'"  H N N 125 
DG  "H2''" H N N 126 
DG  "H1'"  H N N 127 
DG  H8     H N N 128 
DG  H1     H N N 129 
DG  H21    H N N 130 
DG  H22    H N N 131 
DT  OP3    O N N 132 
DT  P      P N N 133 
DT  OP1    O N N 134 
DT  OP2    O N N 135 
DT  "O5'"  O N N 136 
DT  "C5'"  C N N 137 
DT  "C4'"  C N R 138 
DT  "O4'"  O N N 139 
DT  "C3'"  C N S 140 
DT  "O3'"  O N N 141 
DT  "C2'"  C N N 142 
DT  "C1'"  C N R 143 
DT  N1     N N N 144 
DT  C2     C N N 145 
DT  O2     O N N 146 
DT  N3     N N N 147 
DT  C4     C N N 148 
DT  O4     O N N 149 
DT  C5     C N N 150 
DT  C7     C N N 151 
DT  C6     C N N 152 
DT  HOP3   H N N 153 
DT  HOP2   H N N 154 
DT  "H5'"  H N N 155 
DT  "H5''" H N N 156 
DT  "H4'"  H N N 157 
DT  "H3'"  H N N 158 
DT  "HO3'" H N N 159 
DT  "H2'"  H N N 160 
DT  "H2''" H N N 161 
DT  "H1'"  H N N 162 
DT  H3     H N N 163 
DT  H71    H N N 164 
DT  H72    H N N 165 
DT  H73    H N N 166 
DT  H6     H N N 167 
HOH O      O N N 168 
HOH H1     H N N 169 
HOH H2     H N N 170 
# 
loop_
_chem_comp_bond.comp_id 
_chem_comp_bond.atom_id_1 
_chem_comp_bond.atom_id_2 
_chem_comp_bond.value_order 
_chem_comp_bond.pdbx_aromatic_flag 
_chem_comp_bond.pdbx_stereo_config 
_chem_comp_bond.pdbx_ordinal 
AAB P     O1P    sing N N 1   
AAB P     O2P    doub N N 2   
AAB P     O3P    sing N N 3   
AAB P     "O5'"  sing N N 4   
AAB O1P   H1P    sing N N 5   
AAB O3P   H3P    sing N N 6   
AAB "O5'" "C5'"  sing N N 7   
AAB "C5'" "C4'"  sing N N 8   
AAB "C5'" "H5'1" sing N N 9   
AAB "C5'" "H5'2" sing N N 10  
AAB "C4'" "O4'"  sing N N 11  
AAB "C4'" "C3'"  sing N N 12  
AAB "C4'" "H4'"  sing N N 13  
AAB "O4'" "C1'"  sing N N 14  
AAB "C1'" "O1'"  sing N N 15  
AAB "C1'" "C2'"  sing N N 16  
AAB "C1'" "H1'"  sing N N 17  
AAB "O1'" "HO1'" sing N N 18  
AAB "C2'" "C3'"  sing N N 19  
AAB "C2'" "H2'1" sing N N 20  
AAB "C2'" "H2'2" sing N N 21  
AAB "C3'" "O3'"  sing N N 22  
AAB "C3'" "H3'"  sing N N 23  
AAB "O3'" "HO3'" sing N N 24  
DA  OP3   P      sing N N 25  
DA  OP3   HOP3   sing N N 26  
DA  P     OP1    doub N N 27  
DA  P     OP2    sing N N 28  
DA  P     "O5'"  sing N N 29  
DA  OP2   HOP2   sing N N 30  
DA  "O5'" "C5'"  sing N N 31  
DA  "C5'" "C4'"  sing N N 32  
DA  "C5'" "H5'"  sing N N 33  
DA  "C5'" "H5''" sing N N 34  
DA  "C4'" "O4'"  sing N N 35  
DA  "C4'" "C3'"  sing N N 36  
DA  "C4'" "H4'"  sing N N 37  
DA  "O4'" "C1'"  sing N N 38  
DA  "C3'" "O3'"  sing N N 39  
DA  "C3'" "C2'"  sing N N 40  
DA  "C3'" "H3'"  sing N N 41  
DA  "O3'" "HO3'" sing N N 42  
DA  "C2'" "C1'"  sing N N 43  
DA  "C2'" "H2'"  sing N N 44  
DA  "C2'" "H2''" sing N N 45  
DA  "C1'" N9     sing N N 46  
DA  "C1'" "H1'"  sing N N 47  
DA  N9    C8     sing Y N 48  
DA  N9    C4     sing Y N 49  
DA  C8    N7     doub Y N 50  
DA  C8    H8     sing N N 51  
DA  N7    C5     sing Y N 52  
DA  C5    C6     sing Y N 53  
DA  C5    C4     doub Y N 54  
DA  C6    N6     sing N N 55  
DA  C6    N1     doub Y N 56  
DA  N6    H61    sing N N 57  
DA  N6    H62    sing N N 58  
DA  N1    C2     sing Y N 59  
DA  C2    N3     doub Y N 60  
DA  C2    H2     sing N N 61  
DA  N3    C4     sing Y N 62  
DC  OP3   P      sing N N 63  
DC  OP3   HOP3   sing N N 64  
DC  P     OP1    doub N N 65  
DC  P     OP2    sing N N 66  
DC  P     "O5'"  sing N N 67  
DC  OP2   HOP2   sing N N 68  
DC  "O5'" "C5'"  sing N N 69  
DC  "C5'" "C4'"  sing N N 70  
DC  "C5'" "H5'"  sing N N 71  
DC  "C5'" "H5''" sing N N 72  
DC  "C4'" "O4'"  sing N N 73  
DC  "C4'" "C3'"  sing N N 74  
DC  "C4'" "H4'"  sing N N 75  
DC  "O4'" "C1'"  sing N N 76  
DC  "C3'" "O3'"  sing N N 77  
DC  "C3'" "C2'"  sing N N 78  
DC  "C3'" "H3'"  sing N N 79  
DC  "O3'" "HO3'" sing N N 80  
DC  "C2'" "C1'"  sing N N 81  
DC  "C2'" "H2'"  sing N N 82  
DC  "C2'" "H2''" sing N N 83  
DC  "C1'" N1     sing N N 84  
DC  "C1'" "H1'"  sing N N 85  
DC  N1    C2     sing N N 86  
DC  N1    C6     sing N N 87  
DC  C2    O2     doub N N 88  
DC  C2    N3     sing N N 89  
DC  N3    C4     doub N N 90  
DC  C4    N4     sing N N 91  
DC  C4    C5     sing N N 92  
DC  N4    H41    sing N N 93  
DC  N4    H42    sing N N 94  
DC  C5    C6     doub N N 95  
DC  C5    H5     sing N N 96  
DC  C6    H6     sing N N 97  
DG  OP3   P      sing N N 98  
DG  OP3   HOP3   sing N N 99  
DG  P     OP1    doub N N 100 
DG  P     OP2    sing N N 101 
DG  P     "O5'"  sing N N 102 
DG  OP2   HOP2   sing N N 103 
DG  "O5'" "C5'"  sing N N 104 
DG  "C5'" "C4'"  sing N N 105 
DG  "C5'" "H5'"  sing N N 106 
DG  "C5'" "H5''" sing N N 107 
DG  "C4'" "O4'"  sing N N 108 
DG  "C4'" "C3'"  sing N N 109 
DG  "C4'" "H4'"  sing N N 110 
DG  "O4'" "C1'"  sing N N 111 
DG  "C3'" "O3'"  sing N N 112 
DG  "C3'" "C2'"  sing N N 113 
DG  "C3'" "H3'"  sing N N 114 
DG  "O3'" "HO3'" sing N N 115 
DG  "C2'" "C1'"  sing N N 116 
DG  "C2'" "H2'"  sing N N 117 
DG  "C2'" "H2''" sing N N 118 
DG  "C1'" N9     sing N N 119 
DG  "C1'" "H1'"  sing N N 120 
DG  N9    C8     sing Y N 121 
DG  N9    C4     sing Y N 122 
DG  C8    N7     doub Y N 123 
DG  C8    H8     sing N N 124 
DG  N7    C5     sing Y N 125 
DG  C5    C6     sing N N 126 
DG  C5    C4     doub Y N 127 
DG  C6    O6     doub N N 128 
DG  C6    N1     sing N N 129 
DG  N1    C2     sing N N 130 
DG  N1    H1     sing N N 131 
DG  C2    N2     sing N N 132 
DG  C2    N3     doub N N 133 
DG  N2    H21    sing N N 134 
DG  N2    H22    sing N N 135 
DG  N3    C4     sing N N 136 
DT  OP3   P      sing N N 137 
DT  OP3   HOP3   sing N N 138 
DT  P     OP1    doub N N 139 
DT  P     OP2    sing N N 140 
DT  P     "O5'"  sing N N 141 
DT  OP2   HOP2   sing N N 142 
DT  "O5'" "C5'"  sing N N 143 
DT  "C5'" "C4'"  sing N N 144 
DT  "C5'" "H5'"  sing N N 145 
DT  "C5'" "H5''" sing N N 146 
DT  "C4'" "O4'"  sing N N 147 
DT  "C4'" "C3'"  sing N N 148 
DT  "C4'" "H4'"  sing N N 149 
DT  "O4'" "C1'"  sing N N 150 
DT  "C3'" "O3'"  sing N N 151 
DT  "C3'" "C2'"  sing N N 152 
DT  "C3'" "H3'"  sing N N 153 
DT  "O3'" "HO3'" sing N N 154 
DT  "C2'" "C1'"  sing N N 155 
DT  "C2'" "H2'"  sing N N 156 
DT  "C2'" "H2''" sing N N 157 
DT  "C1'" N1     sing N N 158 
DT  "C1'" "H1'"  sing N N 159 
DT  N1    C2     sing N N 160 
DT  N1    C6     sing N N 161 
DT  C2    O2     doub N N 162 
DT  C2    N3     sing N N 163 
DT  N3    C4     sing N N 164 
DT  N3    H3     sing N N 165 
DT  C4    O4     doub N N 166 
DT  C4    C5     sing N N 167 
DT  C5    C7     sing N N 168 
DT  C5    C6     doub N N 169 
DT  C7    H71    sing N N 170 
DT  C7    H72    sing N N 171 
DT  C7    H73    sing N N 172 
DT  C6    H6     sing N N 173 
HOH O     H1     sing N N 174 
HOH O     H2     sing N N 175 
# 
loop_
_ndb_struct_conf_na.entry_id 
_ndb_struct_conf_na.feature 
1A9H 'b-form double helix'  
1A9H 'mismatched base pair' 
# 
loop_
_ndb_struct_na_base_pair.model_number 
_ndb_struct_na_base_pair.i_label_asym_id 
_ndb_struct_na_base_pair.i_label_comp_id 
_ndb_struct_na_base_pair.i_label_seq_id 
_ndb_struct_na_base_pair.i_symmetry 
_ndb_struct_na_base_pair.j_label_asym_id 
_ndb_struct_na_base_pair.j_label_comp_id 
_ndb_struct_na_base_pair.j_label_seq_id 
_ndb_struct_na_base_pair.j_symmetry 
_ndb_struct_na_base_pair.shear 
_ndb_struct_na_base_pair.stretch 
_ndb_struct_na_base_pair.stagger 
_ndb_struct_na_base_pair.buckle 
_ndb_struct_na_base_pair.propeller 
_ndb_struct_na_base_pair.opening 
_ndb_struct_na_base_pair.pair_number 
_ndb_struct_na_base_pair.pair_name 
_ndb_struct_na_base_pair.i_auth_asym_id 
_ndb_struct_na_base_pair.i_auth_seq_id 
_ndb_struct_na_base_pair.i_PDB_ins_code 
_ndb_struct_na_base_pair.j_auth_asym_id 
_ndb_struct_na_base_pair.j_auth_seq_id 
_ndb_struct_na_base_pair.j_PDB_ins_code 
_ndb_struct_na_base_pair.hbond_type_28 
_ndb_struct_na_base_pair.hbond_type_12 
1 A DC 1  1_555 B DG 11 1_555 0.701  -0.594 0.239  -4.613 -5.416  -0.630 1  A_DC1:DG22_B  A 1  ? B 22 ? 19 1 
1 A DG 2  1_555 B DC 10 1_555 -0.607 -0.545 0.260  -0.684 -7.385  1.261  2  A_DG2:DC21_B  A 2  ? B 21 ? 19 1 
1 A DC 3  1_555 B DG 9  1_555 0.566  -0.452 0.083  -0.292 -5.993  -0.516 3  A_DC3:DG20_B  A 3  ? B 20 ? 19 1 
1 A DG 4  1_555 B DC 8  1_555 -0.534 -0.344 0.221  5.628  -12.971 -0.638 4  A_DG4:DC19_B  A 4  ? B 19 ? 19 1 
1 A DA 5  1_555 B DT 7  1_555 0.106  -0.145 0.393  19.268 -4.457  -4.927 5  A_DA5:DT18_B  A 5  ? B 18 ? 20 1 
1 A DA 7  1_555 B DT 5  1_555 0.143  -0.138 -0.184 3.269  -23.574 -1.102 6  A_DA7:DT16_B  A 7  ? B 16 ? 20 1 
1 A DC 8  1_555 B DG 4  1_555 0.359  -0.226 -0.100 12.359 -18.542 0.979  7  A_DC8:DG15_B  A 8  ? B 15 ? 19 1 
1 A DG 9  1_555 B DC 3  1_555 -0.430 -0.422 0.298  5.726  -4.139  0.168  8  A_DG9:DC14_B  A 9  ? B 14 ? 19 1 
1 A DC 10 1_555 B DG 2  1_555 0.455  -0.466 -0.153 11.959 -2.684  -0.178 9  A_DC10:DG13_B A 10 ? B 13 ? 19 1 
1 A DC 11 1_555 B DG 1  1_555 0.541  -0.582 -0.490 18.182 -4.612  -3.311 10 A_DC11:DG12_B A 11 ? B 12 ? 19 1 
# 
loop_
_ndb_struct_na_base_pair_step.model_number 
_ndb_struct_na_base_pair_step.i_label_asym_id_1 
_ndb_struct_na_base_pair_step.i_label_comp_id_1 
_ndb_struct_na_base_pair_step.i_label_seq_id_1 
_ndb_struct_na_base_pair_step.i_symmetry_1 
_ndb_struct_na_base_pair_step.j_label_asym_id_1 
_ndb_struct_na_base_pair_step.j_label_comp_id_1 
_ndb_struct_na_base_pair_step.j_label_seq_id_1 
_ndb_struct_na_base_pair_step.j_symmetry_1 
_ndb_struct_na_base_pair_step.i_label_asym_id_2 
_ndb_struct_na_base_pair_step.i_label_comp_id_2 
_ndb_struct_na_base_pair_step.i_label_seq_id_2 
_ndb_struct_na_base_pair_step.i_symmetry_2 
_ndb_struct_na_base_pair_step.j_label_asym_id_2 
_ndb_struct_na_base_pair_step.j_label_comp_id_2 
_ndb_struct_na_base_pair_step.j_label_seq_id_2 
_ndb_struct_na_base_pair_step.j_symmetry_2 
_ndb_struct_na_base_pair_step.shift 
_ndb_struct_na_base_pair_step.slide 
_ndb_struct_na_base_pair_step.rise 
_ndb_struct_na_base_pair_step.tilt 
_ndb_struct_na_base_pair_step.roll 
_ndb_struct_na_base_pair_step.twist 
_ndb_struct_na_base_pair_step.x_displacement 
_ndb_struct_na_base_pair_step.y_displacement 
_ndb_struct_na_base_pair_step.helical_rise 
_ndb_struct_na_base_pair_step.inclination 
_ndb_struct_na_base_pair_step.tip 
_ndb_struct_na_base_pair_step.helical_twist 
_ndb_struct_na_base_pair_step.step_number 
_ndb_struct_na_base_pair_step.step_name 
_ndb_struct_na_base_pair_step.i_auth_asym_id_1 
_ndb_struct_na_base_pair_step.i_auth_seq_id_1 
_ndb_struct_na_base_pair_step.i_PDB_ins_code_1 
_ndb_struct_na_base_pair_step.j_auth_asym_id_1 
_ndb_struct_na_base_pair_step.j_auth_seq_id_1 
_ndb_struct_na_base_pair_step.j_PDB_ins_code_1 
_ndb_struct_na_base_pair_step.i_auth_asym_id_2 
_ndb_struct_na_base_pair_step.i_auth_seq_id_2 
_ndb_struct_na_base_pair_step.i_PDB_ins_code_2 
_ndb_struct_na_base_pair_step.j_auth_asym_id_2 
_ndb_struct_na_base_pair_step.j_auth_seq_id_2 
_ndb_struct_na_base_pair_step.j_PDB_ins_code_2 
1 A DC 1  1_555 B DG 11 1_555 A DG 2  1_555 B DC 10 1_555 -0.427 -0.880 2.775 -1.518 6.917  32.796 -2.462 0.534  2.558 12.075 
2.650  33.532 1 AA_DC1DG2:DC21DG22_BB   A 1  ? B 22 ? A 2  ? B 21 ? 
1 A DG 2  1_555 B DC 10 1_555 A DC 3  1_555 B DG 9  1_555 -0.300 -0.687 3.033 -0.014 2.022  43.467 -1.107 0.404  2.999 2.729  
0.019  43.512 2 AA_DG2DC3:DG20DC21_BB   A 2  ? B 21 ? A 3  ? B 20 ? 
1 A DC 3  1_555 B DG 9  1_555 A DG 4  1_555 B DC 8  1_555 0.160  -0.593 2.889 -0.058 5.941  30.574 -2.088 -0.308 2.728 11.135 
0.109  31.133 3 AA_DC3DG4:DC19DG20_BB   A 3  ? B 20 ? A 4  ? B 19 ? 
1 A DG 4  1_555 B DC 8  1_555 A DA 5  1_555 B DT 7  1_555 -0.823 -0.013 2.887 -5.555 -1.002 38.568 0.090  0.628  2.971 -1.508 
8.355  38.963 4 AA_DG4DA5:DT18DC19_BB   A 4  ? B 19 ? A 5  ? B 18 ? 
1 A DA 7  1_555 B DT 5  1_555 A DC 8  1_555 B DG 4  1_555 1.162  -0.159 2.882 1.645  -3.360 35.303 0.178  -1.691 2.933 -5.521 
-2.703 35.495 5 AA_DA7DC8:DG15DT16_BB   A 7  ? B 16 ? A 8  ? B 15 ? 
1 A DC 8  1_555 B DG 4  1_555 A DG 9  1_555 B DC 3  1_555 0.787  -1.202 3.149 -3.843 10.613 27.960 -4.231 -2.210 2.415 20.917 
7.574  30.110 6 AA_DC8DG9:DC14DG15_BB   A 8  ? B 15 ? A 9  ? B 14 ? 
1 A DG 9  1_555 B DC 3  1_555 A DC 10 1_555 B DG 2  1_555 -0.421 -0.722 3.038 2.354  -1.302 43.241 -0.860 0.783  3.032 -1.765 
-3.191 43.321 7 AA_DG9DC10:DG13DC14_BB  A 9  ? B 14 ? A 10 ? B 13 ? 
1 A DC 10 1_555 B DG 2  1_555 A DC 11 1_555 B DG 1  1_555 -0.504 -0.716 3.070 -0.339 -2.427 37.476 -0.813 0.742  3.113 -3.773 
0.526  37.553 8 AA_DC10DC11:DG12DG13_BB A 10 ? B 13 ? A 11 ? B 12 ? 
# 
loop_
_pdbx_nmr_spectrometer.spectrometer_id 
_pdbx_nmr_spectrometer.model 
_pdbx_nmr_spectrometer.manufacturer 
_pdbx_nmr_spectrometer.field_strength 
1 UNITY Varian 400 
2 INOVA Varian 500 
# 
_atom_sites.entry_id                    1A9H 
_atom_sites.fract_transf_matrix[1][1]   1.000000 
_atom_sites.fract_transf_matrix[1][2]   0.000000 
_atom_sites.fract_transf_matrix[1][3]   0.000000 
_atom_sites.fract_transf_matrix[2][1]   0.000000 
_atom_sites.fract_transf_matrix[2][2]   1.000000 
_atom_sites.fract_transf_matrix[2][3]   0.000000 
_atom_sites.fract_transf_matrix[3][1]   0.000000 
_atom_sites.fract_transf_matrix[3][2]   0.000000 
_atom_sites.fract_transf_matrix[3][3]   1.000000 
_atom_sites.fract_transf_vector[1]      0.00000 
_atom_sites.fract_transf_vector[2]      0.00000 
_atom_sites.fract_transf_vector[3]      0.00000 
# 
loop_
_atom_type.symbol 
C 
H 
N 
O 
P 
# 
loop_
_atom_site.group_PDB 
_atom_site.id 
_atom_site.type_symbol 
_atom_site.label_atom_id 
_atom_site.label_alt_id 
_atom_site.label_comp_id 
_atom_site.label_asym_id 
_atom_site.label_entity_id 
_atom_site.label_seq_id 
_atom_site.pdbx_PDB_ins_code 
_atom_site.Cartn_x 
_atom_site.Cartn_y 
_atom_site.Cartn_z 
_atom_site.occupancy 
_atom_site.B_iso_or_equiv 
_atom_site.pdbx_formal_charge 
_atom_site.auth_seq_id 
_atom_site.auth_comp_id 
_atom_site.auth_asym_id 
_atom_site.auth_atom_id 
_atom_site.pdbx_PDB_model_num 
ATOM   1   O "O5'"  . DC  A 1 1  ? 7.792   -15.997 9.826   1.00 0.00 ? 1  DC  A "O5'"  1 
ATOM   2   C "C5'"  . DC  A 1 1  ? 9.021   -16.241 9.578   1.00 0.00 ? 1  DC  A "C5'"  1 
ATOM   3   C "C4'"  . DC  A 1 1  ? 9.603   -15.450 8.547   1.00 0.00 ? 1  DC  A "C4'"  1 
ATOM   4   O "O4'"  . DC  A 1 1  ? 8.988   -15.766 7.460   1.00 0.00 ? 1  DC  A "O4'"  1 
ATOM   5   C "C3'"  . DC  A 1 1  ? 9.608   -14.029 8.721   1.00 0.00 ? 1  DC  A "C3'"  1 
ATOM   6   O "O3'"  . DC  A 1 1  ? 10.824  -13.413 8.315   1.00 0.00 ? 1  DC  A "O3'"  1 
ATOM   7   C "C2'"  . DC  A 1 1  ? 8.592   -13.706 7.838   1.00 0.00 ? 1  DC  A "C2'"  1 
ATOM   8   C "C1'"  . DC  A 1 1  ? 8.793   -14.589 6.775   1.00 0.00 ? 1  DC  A "C1'"  1 
ATOM   9   N N1     . DC  A 1 1  ? 7.719   -14.730 5.916   1.00 0.00 ? 1  DC  A N1     1 
ATOM   10  C C2     . DC  A 1 1  ? 7.956   -14.482 4.619   1.00 0.00 ? 1  DC  A C2     1 
ATOM   11  O O2     . DC  A 1 1  ? 9.013   -14.150 4.178   1.00 0.00 ? 1  DC  A O2     1 
ATOM   12  N N3     . DC  A 1 1  ? 6.986   -14.614 3.813   1.00 0.00 ? 1  DC  A N3     1 
ATOM   13  C C4     . DC  A 1 1  ? 5.821   -14.973 4.252   1.00 0.00 ? 1  DC  A C4     1 
ATOM   14  N N4     . DC  A 1 1  ? 4.916   -15.087 3.406   1.00 0.00 ? 1  DC  A N4     1 
ATOM   15  C C5     . DC  A 1 1  ? 5.556   -15.232 5.586   1.00 0.00 ? 1  DC  A C5     1 
ATOM   16  C C6     . DC  A 1 1  ? 6.526   -15.099 6.374   1.00 0.00 ? 1  DC  A C6     1 
ATOM   17  H "H5'"  . DC  A 1 1  ? 9.005   -17.227 9.341   1.00 0.00 ? 1  DC  A "H5'"  1 
ATOM   18  H "H5''" . DC  A 1 1  ? 9.584   -16.050 10.374  1.00 0.00 ? 1  DC  A "H5''" 1 
ATOM   19  H "H4'"  . DC  A 1 1  ? 10.553  -15.626 8.454   1.00 0.00 ? 1  DC  A "H4'"  1 
ATOM   20  H "H3'"  . DC  A 1 1  ? 9.365   -13.811 9.689   1.00 0.00 ? 1  DC  A "H3'"  1 
ATOM   21  H "H2'"  . DC  A 1 1  ? 7.690   -13.946 8.335   1.00 0.00 ? 1  DC  A "H2'"  1 
ATOM   22  H "H2''" . DC  A 1 1  ? 8.683   -12.726 7.512   1.00 0.00 ? 1  DC  A "H2''" 1 
ATOM   23  H "H1'"  . DC  A 1 1  ? 9.665   -14.285 6.232   1.00 0.00 ? 1  DC  A "H1'"  1 
ATOM   24  H H41    . DC  A 1 1  ? 5.171   -14.950 2.486   1.00 0.00 ? 1  DC  A H41    1 
ATOM   25  H H42    . DC  A 1 1  ? 4.012   -15.307 3.670   1.00 0.00 ? 1  DC  A H42    1 
ATOM   26  H H5     . DC  A 1 1  ? 4.619   -15.527 5.985   1.00 0.00 ? 1  DC  A H5     1 
ATOM   27  H H6     . DC  A 1 1  ? 6.316   -15.301 7.388   1.00 0.00 ? 1  DC  A H6     1 
ATOM   28  H "HO5'" . DC  A 1 1  ? 7.790   -15.918 9.555   1.00 0.00 ? 1  DC  A "HO5'" 1 
ATOM   29  P P      . DG  A 1 2  ? 11.186  -11.884 8.553   1.00 0.00 ? 2  DG  A P      1 
ATOM   30  O OP1    . DG  A 1 2  ? 12.317  -11.800 9.233   1.00 0.00 ? 2  DG  A OP1    1 
ATOM   31  O OP2    . DG  A 1 2  ? 10.110  -11.309 9.027   1.00 0.00 ? 2  DG  A OP2    1 
ATOM   32  O "O5'"  . DG  A 1 2  ? 11.480  -11.247 7.243   1.00 0.00 ? 2  DG  A "O5'"  1 
ATOM   33  C "C5'"  . DG  A 1 2  ? 12.599  -11.444 6.579   1.00 0.00 ? 2  DG  A "C5'"  1 
ATOM   34  C "C4'"  . DG  A 1 2  ? 12.663  -10.792 5.319   1.00 0.00 ? 2  DG  A "C4'"  1 
ATOM   35  O "O4'"  . DG  A 1 2  ? 11.675  -11.275 4.483   1.00 0.00 ? 2  DG  A "O4'"  1 
ATOM   36  C "C3'"  . DG  A 1 2  ? 12.609  -9.325  5.355   1.00 0.00 ? 2  DG  A "C3'"  1 
ATOM   37  O "O3'"  . DG  A 1 2  ? 13.405  -8.771  4.355   1.00 0.00 ? 2  DG  A "O3'"  1 
ATOM   38  C "C2'"  . DG  A 1 2  ? 11.182  -9.213  5.096   1.00 0.00 ? 2  DG  A "C2'"  1 
ATOM   39  C "C1'"  . DG  A 1 2  ? 10.930  -10.200 4.056   1.00 0.00 ? 2  DG  A "C1'"  1 
ATOM   40  N N9     . DG  A 1 2  ? 9.556   -10.642 3.967   1.00 0.00 ? 2  DG  A N9     1 
ATOM   41  C C8     . DG  A 1 2  ? 8.723   -11.065 4.936   1.00 0.00 ? 2  DG  A C8     1 
ATOM   42  N N7     . DG  A 1 2  ? 7.570   -11.435 4.555   1.00 0.00 ? 2  DG  A N7     1 
ATOM   43  C C5     . DG  A 1 2  ? 7.654   -11.231 3.223   1.00 0.00 ? 2  DG  A C5     1 
ATOM   44  C C6     . DG  A 1 2  ? 6.711   -11.448 2.262   1.00 0.00 ? 2  DG  A C6     1 
ATOM   45  O O6     . DG  A 1 2  ? 5.589   -11.883 2.369   1.00 0.00 ? 2  DG  A O6     1 
ATOM   46  N N1     . DG  A 1 2  ? 7.203   -11.112 1.050   1.00 0.00 ? 2  DG  A N1     1 
ATOM   47  C C2     . DG  A 1 2  ? 8.441   -10.625 0.783   1.00 0.00 ? 2  DG  A C2     1 
ATOM   48  N N2     . DG  A 1 2  ? 8.760   -10.314 -0.422  1.00 0.00 ? 2  DG  A N2     1 
ATOM   49  N N3     . DG  A 1 2  ? 9.327   -10.423 1.670   1.00 0.00 ? 2  DG  A N3     1 
ATOM   50  C C4     . DG  A 1 2  ? 8.867   -10.745 2.863   1.00 0.00 ? 2  DG  A C4     1 
ATOM   51  H "H5'"  . DG  A 1 2  ? 12.652  -12.469 6.433   1.00 0.00 ? 2  DG  A "H5'"  1 
ATOM   52  H "H5''" . DG  A 1 2  ? 13.403  -11.078 7.133   1.00 0.00 ? 2  DG  A "H5''" 1 
ATOM   53  H "H4'"  . DG  A 1 2  ? 13.550  -10.987 4.918   1.00 0.00 ? 2  DG  A "H4'"  1 
ATOM   54  H "H3'"  . DG  A 1 2  ? 12.938  -8.937  6.270   1.00 0.00 ? 2  DG  A "H3'"  1 
ATOM   55  H "H2'"  . DG  A 1 2  ? 10.626  -9.513  5.933   1.00 0.00 ? 2  DG  A "H2'"  1 
ATOM   56  H "H2''" . DG  A 1 2  ? 10.920  -8.245  4.813   1.00 0.00 ? 2  DG  A "H2''" 1 
ATOM   57  H "H1'"  . DG  A 1 2  ? 11.304  -9.803  3.151   1.00 0.00 ? 2  DG  A "H1'"  1 
ATOM   58  H H8     . DG  A 1 2  ? 9.021   -11.067 5.937   1.00 0.00 ? 2  DG  A H8     1 
ATOM   59  H H1     . DG  A 1 2  ? 6.569   -11.257 0.334   1.00 0.00 ? 2  DG  A H1     1 
ATOM   60  H H21    . DG  A 1 2  ? 8.191   -10.552 -1.117  1.00 0.00 ? 2  DG  A H21    1 
ATOM   61  H H22    . DG  A 1 2  ? 9.590   -9.827  -0.615  1.00 0.00 ? 2  DG  A H22    1 
ATOM   62  P P      . DC  A 1 3  ? 13.399  -7.307  3.842   1.00 0.00 ? 3  DC  A P      1 
ATOM   63  O OP1    . DC  A 1 3  ? 14.656  -6.921  3.409   1.00 0.00 ? 3  DC  A OP1    1 
ATOM   64  O OP2    . DC  A 1 3  ? 12.848  -6.543  4.786   1.00 0.00 ? 3  DC  A OP2    1 
ATOM   65  O "O5'"  . DC  A 1 3  ? 12.485  -7.337  2.667   1.00 0.00 ? 3  DC  A "O5'"  1 
ATOM   66  C "C5'"  . DC  A 1 3  ? 12.934  -7.480  1.421   1.00 0.00 ? 3  DC  A "C5'"  1 
ATOM   67  C "C4'"  . DC  A 1 3  ? 12.051  -6.973  0.426   1.00 0.00 ? 3  DC  A "C4'"  1 
ATOM   68  O "O4'"  . DC  A 1 3  ? 10.814  -7.642  0.428   1.00 0.00 ? 3  DC  A "O4'"  1 
ATOM   69  C "C3'"  . DC  A 1 3  ? 11.835  -5.515  0.496   1.00 0.00 ? 3  DC  A "C3'"  1 
ATOM   70  O "O3'"  . DC  A 1 3  ? 11.973  -5.008  -0.783  1.00 0.00 ? 3  DC  A "O3'"  1 
ATOM   71  C "C2'"  . DC  A 1 3  ? 10.469  -5.471  1.076   1.00 0.00 ? 3  DC  A "C2'"  1 
ATOM   72  C "C1'"  . DC  A 1 3  ? 9.783   -6.664  0.499   1.00 0.00 ? 3  DC  A "C1'"  1 
ATOM   73  N N1     . DC  A 1 3  ? 8.709   -7.200  1.348   1.00 0.00 ? 3  DC  A N1     1 
ATOM   74  C C2     . DC  A 1 3  ? 7.574   -7.613  0.785   1.00 0.00 ? 3  DC  A C2     1 
ATOM   75  O O2     . DC  A 1 3  ? 7.426   -7.512  -0.379  1.00 0.00 ? 3  DC  A O2     1 
ATOM   76  N N3     . DC  A 1 3  ? 6.602   -8.143  1.549   1.00 0.00 ? 3  DC  A N3     1 
ATOM   77  C C4     . DC  A 1 3  ? 6.731   -8.265  2.817   1.00 0.00 ? 3  DC  A C4     1 
ATOM   78  N N4     . DC  A 1 3  ? 5.748   -8.809  3.508   1.00 0.00 ? 3  DC  A N4     1 
ATOM   79  C C5     . DC  A 1 3  ? 7.891   -7.840  3.419   1.00 0.00 ? 3  DC  A C5     1 
ATOM   80  C C6     . DC  A 1 3  ? 8.848   -7.314  2.645   1.00 0.00 ? 3  DC  A C6     1 
ATOM   81  H "H5'"  . DC  A 1 3  ? 13.036  -8.522  1.230   1.00 0.00 ? 3  DC  A "H5'"  1 
ATOM   82  H "H5''" . DC  A 1 3  ? 13.850  -6.960  1.324   1.00 0.00 ? 3  DC  A "H5''" 1 
ATOM   83  H "H4'"  . DC  A 1 3  ? 12.468  -7.136  -0.472  1.00 0.00 ? 3  DC  A "H4'"  1 
ATOM   84  H "H3'"  . DC  A 1 3  ? 12.501  -5.068  1.183   1.00 0.00 ? 3  DC  A "H3'"  1 
ATOM   85  H "H2'"  . DC  A 1 3  ? 10.694  -5.717  2.091   1.00 0.00 ? 3  DC  A "H2'"  1 
ATOM   86  H "H2''" . DC  A 1 3  ? 9.937   -4.656  0.634   1.00 0.00 ? 3  DC  A "H2''" 1 
ATOM   87  H "H1'"  . DC  A 1 3  ? 9.441   -6.377  -0.474  1.00 0.00 ? 3  DC  A "H1'"  1 
ATOM   88  H H41    . DC  A 1 3  ? 4.952   -9.117  3.028   1.00 0.00 ? 3  DC  A H41    1 
ATOM   89  H H42    . DC  A 1 3  ? 5.786   -8.915  4.476   1.00 0.00 ? 3  DC  A H42    1 
ATOM   90  H H5     . DC  A 1 3  ? 8.017   -7.936  4.450   1.00 0.00 ? 3  DC  A H5     1 
ATOM   91  H H6     . DC  A 1 3  ? 9.746   -6.962  3.056   1.00 0.00 ? 3  DC  A H6     1 
ATOM   92  P P      . DG  A 1 4  ? 11.738  -3.583  -1.314  1.00 0.00 ? 4  DG  A P      1 
ATOM   93  O OP1    . DG  A 1 4  ? 12.487  -3.448  -2.495  1.00 0.00 ? 4  DG  A OP1    1 
ATOM   94  O OP2    . DG  A 1 4  ? 11.951  -2.670  -0.226  1.00 0.00 ? 4  DG  A OP2    1 
ATOM   95  O "O5'"  . DG  A 1 4  ? 10.214  -3.595  -1.763  1.00 0.00 ? 4  DG  A "O5'"  1 
ATOM   96  C "C5'"  . DG  A 1 4  ? 9.831   -4.095  -3.050  1.00 0.00 ? 4  DG  A "C5'"  1 
ATOM   97  C "C4'"  . DG  A 1 4  ? 8.357   -3.906  -3.370  1.00 0.00 ? 4  DG  A "C4'"  1 
ATOM   98  O "O4'"  . DG  A 1 4  ? 7.532   -4.652  -2.469  1.00 0.00 ? 4  DG  A "O4'"  1 
ATOM   99  C "C3'"  . DG  A 1 4  ? 7.917   -2.445  -3.286  1.00 0.00 ? 4  DG  A "C3'"  1 
ATOM   100 O "O3'"  . DG  A 1 4  ? 6.917   -2.099  -4.248  1.00 0.00 ? 4  DG  A "O3'"  1 
ATOM   101 C "C2'"  . DG  A 1 4  ? 7.336   -2.471  -1.911  1.00 0.00 ? 4  DG  A "C2'"  1 
ATOM   102 C "C1'"  . DG  A 1 4  ? 6.570   -3.774  -1.916  1.00 0.00 ? 4  DG  A "C1'"  1 
ATOM   103 N N9     . DG  A 1 4  ? 6.172   -4.224  -0.581  1.00 0.00 ? 4  DG  A N9     1 
ATOM   104 C C8     . DG  A 1 4  ? 6.826   -4.095  0.599   1.00 0.00 ? 4  DG  A C8     1 
ATOM   105 N N7     . DG  A 1 4  ? 6.219   -4.643  1.614   1.00 0.00 ? 4  DG  A N7     1 
ATOM   106 C C5     . DG  A 1 4  ? 5.074   -5.168  1.056   1.00 0.00 ? 4  DG  A C5     1 
ATOM   107 C C6     . DG  A 1 4  ? 4.014   -5.883  1.654   1.00 0.00 ? 4  DG  A C6     1 
ATOM   108 O O6     . DG  A 1 4  ? 3.852   -6.233  2.817   1.00 0.00 ? 4  DG  A O6     1 
ATOM   109 N N1     . DG  A 1 4  ? 3.064   -6.219  0.737   1.00 0.00 ? 4  DG  A N1     1 
ATOM   110 C C2     . DG  A 1 4  ? 3.114   -5.914  -0.596  1.00 0.00 ? 4  DG  A C2     1 
ATOM   111 N N2     . DG  A 1 4  ? 2.119   -6.310  -1.340  1.00 0.00 ? 4  DG  A N2     1 
ATOM   112 N N3     . DG  A 1 4  ? 4.098   -5.250  -1.170  1.00 0.00 ? 4  DG  A N3     1 
ATOM   113 C C4     . DG  A 1 4  ? 5.041   -4.910  -0.284  1.00 0.00 ? 4  DG  A C4     1 
ATOM   114 H "H5'"  . DG  A 1 4  ? 10.055  -5.149  -3.080  1.00 0.00 ? 4  DG  A "H5'"  1 
ATOM   115 H "H5''" . DG  A 1 4  ? 10.406  -3.592  -3.810  1.00 0.00 ? 4  DG  A "H5''" 1 
ATOM   116 H "H4'"  . DG  A 1 4  ? 8.170   -4.264  -4.377  1.00 0.00 ? 4  DG  A "H4'"  1 
ATOM   117 H "H3'"  . DG  A 1 4  ? 8.760   -1.778  -3.361  1.00 0.00 ? 4  DG  A "H3'"  1 
ATOM   118 H "H2'"  . DG  A 1 4  ? 8.163   -2.535  -1.218  1.00 0.00 ? 4  DG  A "H2'"  1 
ATOM   119 H "H2''" . DG  A 1 4  ? 6.778   -1.591  -1.644  1.00 0.00 ? 4  DG  A "H2''" 1 
ATOM   120 H "H1'"  . DG  A 1 4  ? 5.737   -3.790  -2.593  1.00 0.00 ? 4  DG  A "H1'"  1 
ATOM   121 H H8     . DG  A 1 4  ? 7.761   -3.565  0.657   1.00 0.00 ? 4  DG  A H8     1 
ATOM   122 H H1     . DG  A 1 4  ? 2.289   -6.729  1.120   1.00 0.00 ? 4  DG  A H1     1 
ATOM   123 H H21    . DG  A 1 4  ? 1.301   -6.714  -0.917  1.00 0.00 ? 4  DG  A H21    1 
ATOM   124 H H22    . DG  A 1 4  ? 2.183   -6.198  -2.327  1.00 0.00 ? 4  DG  A H22    1 
ATOM   125 P P      . DA  A 1 5  ? 6.492   -0.620  -4.596  1.00 0.00 ? 5  DA  A P      1 
ATOM   126 O OP1    . DA  A 1 5  ? 7.026   -0.281  -5.882  1.00 0.00 ? 5  DA  A OP1    1 
ATOM   127 O OP2    . DA  A 1 5  ? 6.805   0.193   -3.465  1.00 0.00 ? 5  DA  A OP2    1 
ATOM   128 O "O5'"  . DA  A 1 5  ? 4.944   -0.646  -4.745  1.00 0.00 ? 5  DA  A "O5'"  1 
ATOM   129 C "C5'"  . DA  A 1 5  ? 4.258   -1.193  -5.842  1.00 0.00 ? 5  DA  A "C5'"  1 
ATOM   130 C "C4'"  . DA  A 1 5  ? 2.829   -1.491  -5.567  1.00 0.00 ? 5  DA  A "C4'"  1 
ATOM   131 O "O4'"  . DA  A 1 5  ? 2.748   -2.293  -4.388  1.00 0.00 ? 5  DA  A "O4'"  1 
ATOM   132 C "C3'"  . DA  A 1 5  ? 1.957   -0.285  -5.357  1.00 0.00 ? 5  DA  A "C3'"  1 
ATOM   133 O "O3'"  . DA  A 1 5  ? 0.635   -0.628  -5.764  1.00 0.00 ? 5  DA  A "O3'"  1 
ATOM   134 C "C2'"  . DA  A 1 5  ? 2.098   -0.153  -3.838  1.00 0.00 ? 5  DA  A "C2'"  1 
ATOM   135 C "C1'"  . DA  A 1 5  ? 1.988   -1.590  -3.416  1.00 0.00 ? 5  DA  A "C1'"  1 
ATOM   136 N N9     . DA  A 1 5  ? 2.529   -1.790  -2.074  1.00 0.00 ? 5  DA  A N9     1 
ATOM   137 C C8     . DA  A 1 5  ? 3.700   -1.353  -1.526  1.00 0.00 ? 5  DA  A C8     1 
ATOM   138 N N7     . DA  A 1 5  ? 3.874   -1.723  -0.293  1.00 0.00 ? 5  DA  A N7     1 
ATOM   139 C C5     . DA  A 1 5  ? 2.726   -2.457  -0.016  1.00 0.00 ? 5  DA  A C5     1 
ATOM   140 C C6     . DA  A 1 5  ? 2.280   -3.125  1.118   1.00 0.00 ? 5  DA  A C6     1 
ATOM   141 N N6     . DA  A 1 5  ? 3.007   -3.148  2.223   1.00 0.00 ? 5  DA  A N6     1 
ATOM   142 N N1     . DA  A 1 5  ? 1.093   -3.749  1.052   1.00 0.00 ? 5  DA  A N1     1 
ATOM   143 C C2     . DA  A 1 5  ? 0.399   -3.701  -0.084  1.00 0.00 ? 5  DA  A C2     1 
ATOM   144 N N3     . DA  A 1 5  ? 0.722   -3.104  -1.207  1.00 0.00 ? 5  DA  A N3     1 
ATOM   145 C C4     . DA  A 1 5  ? 1.911   -2.495  -1.099  1.00 0.00 ? 5  DA  A C4     1 
ATOM   146 H "H5'"  . DA  A 1 5  ? 4.732   -2.111  -6.091  1.00 0.00 ? 5  DA  A "H5'"  1 
ATOM   147 H "H5''" . DA  A 1 5  ? 4.280   -0.512  -6.669  1.00 0.00 ? 5  DA  A "H5''" 1 
ATOM   148 H "H4'"  . DA  A 1 5  ? 2.410   -2.029  -6.385  1.00 0.00 ? 5  DA  A "H4'"  1 
ATOM   149 H "H3'"  . DA  A 1 5  ? 2.271   0.495   -6.026  1.00 0.00 ? 5  DA  A "H3'"  1 
ATOM   150 H "H2'"  . DA  A 1 5  ? 3.071   0.199   -3.523  1.00 0.00 ? 5  DA  A "H2'"  1 
ATOM   151 H "H2''" . DA  A 1 5  ? 1.372   0.461   -3.334  1.00 0.00 ? 5  DA  A "H2''" 1 
ATOM   152 H "H1'"  . DA  A 1 5  ? 0.970   -1.944  -3.462  1.00 0.00 ? 5  DA  A "H1'"  1 
ATOM   153 H H8     . DA  A 1 5  ? 4.407   -0.741  -2.078  1.00 0.00 ? 5  DA  A H8     1 
ATOM   154 H H61    . DA  A 1 5  ? 2.675   -3.570  3.064   1.00 0.00 ? 5  DA  A H61    1 
ATOM   155 H H62    . DA  A 1 5  ? 3.912   -2.736  2.210   1.00 0.00 ? 5  DA  A H62    1 
ATOM   156 H H2     . DA  A 1 5  ? -0.564  -4.198  -0.154  1.00 0.00 ? 5  DA  A H2     1 
HETATM 157 P P      . AAB A 1 6  ? -0.729  -0.019  -5.234  1.00 0.00 ? 6  AAB A P      1 
HETATM 158 O O1P    . AAB A 1 6  ? -1.481  0.375   -6.385  1.00 0.00 ? 6  AAB A O1P    1 
HETATM 159 O O2P    . AAB A 1 6  ? -0.466  0.937   -4.173  1.00 0.00 ? 6  AAB A O2P    1 
HETATM 160 O "O5'"  . AAB A 1 6  ? -1.429  -1.263  -4.603  1.00 0.00 ? 6  AAB A "O5'"  1 
HETATM 161 C "C5'"  . AAB A 1 6  ? -2.054  -2.259  -5.369  1.00 0.00 ? 6  AAB A "C5'"  1 
HETATM 162 C "C4'"  . AAB A 1 6  ? -3.222  -2.928  -4.730  1.00 0.00 ? 6  AAB A "C4'"  1 
HETATM 163 O "O4'"  . AAB A 1 6  ? -2.911  -3.717  -3.619  1.00 0.00 ? 6  AAB A "O4'"  1 
HETATM 164 C "C1'"  . AAB A 1 6  ? -3.693  -3.382  -2.593  1.00 0.00 ? 6  AAB A "C1'"  1 
HETATM 165 O "O1'"  . AAB A 1 6  ? -3.010  -3.585  -1.426  1.00 0.00 ? 6  AAB A "O1'"  1 
HETATM 166 C "C2'"  . AAB A 1 6  ? -3.788  -1.961  -2.886  1.00 0.00 ? 6  AAB A "C2'"  1 
HETATM 167 C "C3'"  . AAB A 1 6  ? -4.229  -1.989  -4.316  1.00 0.00 ? 6  AAB A "C3'"  1 
HETATM 168 O "O3'"  . AAB A 1 6  ? -5.428  -2.677  -4.523  1.00 0.00 ? 6  AAB A "O3'"  1 
HETATM 169 H "H5'1" . AAB A 1 6  ? -1.343  -2.971  -5.600  1.00 0.00 ? 6  AAB A "H5'1" 1 
HETATM 170 H "H5'2" . AAB A 1 6  ? -2.429  -1.835  -6.253  1.00 0.00 ? 6  AAB A "H5'2" 1 
HETATM 171 H "H4'"  . AAB A 1 6  ? -3.717  -3.517  -5.450  1.00 0.00 ? 6  AAB A "H4'"  1 
HETATM 172 H "H1'"  . AAB A 1 6  ? -4.592  -3.902  -2.663  1.00 0.00 ? 6  AAB A "H1'"  1 
HETATM 173 H "HO1'" . AAB A 1 6  ? -2.956  -4.118  -1.346  1.00 0.00 ? 6  AAB A "HO1'" 1 
HETATM 174 H "H2'1" . AAB A 1 6  ? -4.405  -1.465  -2.258  1.00 0.00 ? 6  AAB A "H2'1" 1 
HETATM 175 H "H2'2" . AAB A 1 6  ? -2.819  -1.586  -2.717  1.00 0.00 ? 6  AAB A "H2'2" 1 
HETATM 176 H "H3'"  . AAB A 1 6  ? -4.194  -1.172  -4.979  1.00 0.00 ? 6  AAB A "H3'"  1 
ATOM   177 P P      . DA  A 1 7  ? -6.820  -2.174  -5.070  1.00 0.00 ? 7  DA  A P      1 
ATOM   178 O OP1    . DA  A 1 7  ? -7.244  -3.086  -6.118  1.00 0.00 ? 7  DA  A OP1    1 
ATOM   179 O OP2    . DA  A 1 7  ? -6.755  -0.740  -5.351  1.00 0.00 ? 7  DA  A OP2    1 
ATOM   180 O "O5'"  . DA  A 1 7  ? -7.748  -2.426  -3.801  1.00 0.00 ? 7  DA  A "O5'"  1 
ATOM   181 C "C5'"  . DA  A 1 7  ? -7.684  -3.587  -2.989  1.00 0.00 ? 7  DA  A "C5'"  1 
ATOM   182 C "C4'"  . DA  A 1 7  ? -7.875  -3.244  -1.539  1.00 0.00 ? 7  DA  A "C4'"  1 
ATOM   183 O "O4'"  . DA  A 1 7  ? -6.868  -2.338  -1.078  1.00 0.00 ? 7  DA  A "O4'"  1 
ATOM   184 C "C3'"  . DA  A 1 7  ? -9.200  -2.602  -1.254  1.00 0.00 ? 7  DA  A "C3'"  1 
ATOM   185 O "O3'"  . DA  A 1 7  ? -9.605  -2.962  0.039   1.00 0.00 ? 7  DA  A "O3'"  1 
ATOM   186 C "C2'"  . DA  A 1 7  ? -8.787  -1.138  -1.463  1.00 0.00 ? 7  DA  A "C2'"  1 
ATOM   187 C "C1'"  . DA  A 1 7  ? -7.385  -1.040  -0.896  1.00 0.00 ? 7  DA  A "C1'"  1 
ATOM   188 N N9     . DA  A 1 7  ? -6.422  -0.102  -1.533  1.00 0.00 ? 7  DA  A N9     1 
ATOM   189 C C8     . DA  A 1 7  ? -6.371  0.407   -2.801  1.00 0.00 ? 7  DA  A C8     1 
ATOM   190 N N7     . DA  A 1 7  ? -5.359  1.197   -3.025  1.00 0.00 ? 7  DA  A N7     1 
ATOM   191 C C5     . DA  A 1 7  ? -4.687  1.214   -1.829  1.00 0.00 ? 7  DA  A C5     1 
ATOM   192 C C6     . DA  A 1 7  ? -3.526  1.864   -1.415  1.00 0.00 ? 7  DA  A C6     1 
ATOM   193 N N6     . DA  A 1 7  ? -2.811  2.646   -2.214  1.00 0.00 ? 7  DA  A N6     1 
ATOM   194 N N1     . DA  A 1 7  ? -3.133  1.668   -0.160  1.00 0.00 ? 7  DA  A N1     1 
ATOM   195 C C2     . DA  A 1 7  ? -3.855  0.874   0.623   1.00 0.00 ? 7  DA  A C2     1 
ATOM   196 N N3     . DA  A 1 7  ? -4.958  0.212   0.348   1.00 0.00 ? 7  DA  A N3     1 
ATOM   197 C C4     . DA  A 1 7  ? -5.327  0.428   -0.915  1.00 0.00 ? 7  DA  A C4     1 
ATOM   198 H "H5'"  . DA  A 1 7  ? -6.720  -4.050  -3.089  1.00 0.00 ? 7  DA  A "H5'"  1 
ATOM   199 H "H5''" . DA  A 1 7  ? -8.453  -4.284  -3.269  1.00 0.00 ? 7  DA  A "H5''" 1 
ATOM   200 H "H4'"  . DA  A 1 7  ? -7.824  -4.162  -0.971  1.00 0.00 ? 7  DA  A "H4'"  1 
ATOM   201 H "H3'"  . DA  A 1 7  ? -9.936  -3.043  -1.901  1.00 0.00 ? 7  DA  A "H3'"  1 
ATOM   202 H "H2'"  . DA  A 1 7  ? -8.742  -0.991  -2.503  1.00 0.00 ? 7  DA  A "H2'"  1 
ATOM   203 H "H2''" . DA  A 1 7  ? -9.402  -0.428  -0.988  1.00 0.00 ? 7  DA  A "H2''" 1 
ATOM   204 H "H1'"  . DA  A 1 7  ? -7.453  -0.785  0.137   1.00 0.00 ? 7  DA  A "H1'"  1 
ATOM   205 H H8     . DA  A 1 7  ? -7.074  0.186   -3.587  1.00 0.00 ? 7  DA  A H8     1 
ATOM   206 H H61    . DA  A 1 7  ? -1.957  3.052   -1.906  1.00 0.00 ? 7  DA  A H61    1 
ATOM   207 H H62    . DA  A 1 7  ? -3.121  2.836   -3.140  1.00 0.00 ? 7  DA  A H62    1 
ATOM   208 H H2     . DA  A 1 7  ? -3.517  0.717   1.636   1.00 0.00 ? 7  DA  A H2     1 
ATOM   209 P P      . DC  A 1 8  ? -10.831 -2.305  0.783   1.00 0.00 ? 8  DC  A P      1 
ATOM   210 O OP1    . DC  A 1 8  ? -11.235 -3.175  1.869   1.00 0.00 ? 8  DC  A OP1    1 
ATOM   211 O OP2    . DC  A 1 8  ? -11.816 -1.902  -0.203  1.00 0.00 ? 8  DC  A OP2    1 
ATOM   212 O "O5'"  . DC  A 1 8  ? -10.132 -0.997  1.392   1.00 0.00 ? 8  DC  A "O5'"  1 
ATOM   213 C "C5'"  . DC  A 1 8  ? -9.141  -1.086  2.367   1.00 0.00 ? 8  DC  A "C5'"  1 
ATOM   214 C "C4'"  . DC  A 1 8  ? -8.551  0.257   2.748   1.00 0.00 ? 8  DC  A "C4'"  1 
ATOM   215 O "O4'"  . DC  A 1 8  ? -7.824  0.890   1.719   1.00 0.00 ? 8  DC  A "O4'"  1 
ATOM   216 C "C3'"  . DC  A 1 8  ? -9.570  1.244   3.210   1.00 0.00 ? 8  DC  A "C3'"  1 
ATOM   217 O "O3'"  . DC  A 1 8  ? -9.284  1.637   4.511   1.00 0.00 ? 8  DC  A "O3'"  1 
ATOM   218 C "C2'"  . DC  A 1 8  ? -9.407  2.305   2.169   1.00 0.00 ? 8  DC  A "C2'"  1 
ATOM   219 C "C1'"  . DC  A 1 8  ? -7.955  2.274   1.803   1.00 0.00 ? 8  DC  A "C1'"  1 
ATOM   220 N N1     . DC  A 1 8  ? -7.476  2.902   0.556   1.00 0.00 ? 8  DC  A N1     1 
ATOM   221 C C2     . DC  A 1 8  ? -6.203  3.425   0.521   1.00 0.00 ? 8  DC  A C2     1 
ATOM   222 O O2     . DC  A 1 8  ? -5.483  3.387   1.481   1.00 0.00 ? 8  DC  A O2     1 
ATOM   223 N N3     . DC  A 1 8  ? -5.744  4.001   -0.605  1.00 0.00 ? 8  DC  A N3     1 
ATOM   224 C C4     . DC  A 1 8  ? -6.496  4.073   -1.670  1.00 0.00 ? 8  DC  A C4     1 
ATOM   225 N N4     . DC  A 1 8  ? -6.002  4.641   -2.761  1.00 0.00 ? 8  DC  A N4     1 
ATOM   226 C C5     . DC  A 1 8  ? -7.811  3.543   -1.647  1.00 0.00 ? 8  DC  A C5     1 
ATOM   227 C C6     . DC  A 1 8  ? -8.251  2.967   -0.526  1.00 0.00 ? 8  DC  A C6     1 
ATOM   228 H "H5'"  . DC  A 1 8  ? -8.355  -1.697  2.009   1.00 0.00 ? 8  DC  A "H5'"  1 
ATOM   229 H "H5''" . DC  A 1 8  ? -9.561  -1.554  3.218   1.00 0.00 ? 8  DC  A "H5''" 1 
ATOM   230 H "H4'"  . DC  A 1 8  ? -7.877  0.113   3.546   1.00 0.00 ? 8  DC  A "H4'"  1 
ATOM   231 H "H3'"  . DC  A 1 8  ? -10.561 0.816   3.158   1.00 0.00 ? 8  DC  A "H3'"  1 
ATOM   232 H "H2'"  . DC  A 1 8  ? -10.019 1.940   1.399   1.00 0.00 ? 8  DC  A "H2'"  1 
ATOM   233 H "H2''" . DC  A 1 8  ? -9.713  3.254   2.484   1.00 0.00 ? 8  DC  A "H2''" 1 
ATOM   234 H "H1'"  . DC  A 1 8  ? -7.394  2.683   2.608   1.00 0.00 ? 8  DC  A "H1'"  1 
ATOM   235 H H41    . DC  A 1 8  ? -5.066  4.990   -2.791  1.00 0.00 ? 8  DC  A H41    1 
ATOM   236 H H42    . DC  A 1 8  ? -6.561  4.729   -3.569  1.00 0.00 ? 8  DC  A H42    1 
ATOM   237 H H5     . DC  A 1 8  ? -8.461  3.612   -2.488  1.00 0.00 ? 8  DC  A H5     1 
ATOM   238 H H6     . DC  A 1 8  ? -9.234  2.534   -0.505  1.00 0.00 ? 8  DC  A H6     1 
ATOM   239 P P      . DG  A 1 9  ? -9.772  2.930   5.163   1.00 0.00 ? 9  DG  A P      1 
ATOM   240 O OP1    . DG  A 1 9  ? -9.621  2.742   6.524   1.00 0.00 ? 9  DG  A OP1    1 
ATOM   241 O OP2    . DG  A 1 9  ? -10.988 3.272   4.644   1.00 0.00 ? 9  DG  A OP2    1 
ATOM   242 O "O5'"  . DG  A 1 9  ? -8.789  4.034   4.662   1.00 0.00 ? 9  DG  A "O5'"  1 
ATOM   243 C "C5'"  . DG  A 1 9  ? -7.594  4.264   5.247   1.00 0.00 ? 9  DG  A "C5'"  1 
ATOM   244 C "C4'"  . DG  A 1 9  ? -6.987  5.584   4.862   1.00 0.00 ? 9  DG  A "C4'"  1 
ATOM   245 O "O4'"  . DG  A 1 9  ? -6.644  5.654   3.539   1.00 0.00 ? 9  DG  A "O4'"  1 
ATOM   246 C "C3'"  . DG  A 1 9  ? -7.899  6.697   5.119   1.00 0.00 ? 9  DG  A "C3'"  1 
ATOM   247 O "O3'"  . DG  A 1 9  ? -7.200  7.794   5.640   1.00 0.00 ? 9  DG  A "O3'"  1 
ATOM   248 C "C2'"  . DG  A 1 9  ? -8.342  6.924   3.783   1.00 0.00 ? 9  DG  A "C2'"  1 
ATOM   249 C "C1'"  . DG  A 1 9  ? -7.118  6.813   3.059   1.00 0.00 ? 9  DG  A "C1'"  1 
ATOM   250 N N9     . DG  A 1 9  ? -7.201  6.800   1.658   1.00 0.00 ? 9  DG  A N9     1 
ATOM   251 C C8     . DG  A 1 9  ? -8.091  6.233   0.847   1.00 0.00 ? 9  DG  A C8     1 
ATOM   252 N N7     . DG  A 1 9  ? -7.830  6.433   -0.366  1.00 0.00 ? 9  DG  A N7     1 
ATOM   253 C C5     . DG  A 1 9  ? -6.679  7.187   -0.349  1.00 0.00 ? 9  DG  A C5     1 
ATOM   254 C C6     . DG  A 1 9  ? -5.904  7.716   -1.367  1.00 0.00 ? 9  DG  A C6     1 
ATOM   255 O O6     . DG  A 1 9  ? -6.059  7.641   -2.530  1.00 0.00 ? 9  DG  A O6     1 
ATOM   256 N N1     . DG  A 1 9  ? -4.831  8.402   -0.913  1.00 0.00 ? 9  DG  A N1     1 
ATOM   257 C C2     . DG  A 1 9  ? -4.528  8.570   0.355   1.00 0.00 ? 9  DG  A C2     1 
ATOM   258 N N2     . DG  A 1 9  ? -3.470  9.247   0.635   1.00 0.00 ? 9  DG  A N2     1 
ATOM   259 N N3     . DG  A 1 9  ? -5.244  8.084   1.311   1.00 0.00 ? 9  DG  A N3     1 
ATOM   260 C C4     . DG  A 1 9  ? -6.299  7.407   0.886   1.00 0.00 ? 9  DG  A C4     1 
ATOM   261 H "H5'"  . DG  A 1 9  ? -6.969  3.498   5.009   1.00 0.00 ? 9  DG  A "H5'"  1 
ATOM   262 H "H5''" . DG  A 1 9  ? -7.722  4.278   6.247   1.00 0.00 ? 9  DG  A "H5''" 1 
ATOM   263 H "H4'"  . DG  A 1 9  ? -6.121  5.760   5.414   1.00 0.00 ? 9  DG  A "H4'"  1 
ATOM   264 H "H3'"  . DG  A 1 9  ? -8.665  6.404   5.765   1.00 0.00 ? 9  DG  A "H3'"  1 
ATOM   265 H "H2'"  . DG  A 1 9  ? -9.014  6.149   3.481   1.00 0.00 ? 9  DG  A "H2'"  1 
ATOM   266 H "H2''" . DG  A 1 9  ? -8.728  7.880   3.646   1.00 0.00 ? 9  DG  A "H2''" 1 
ATOM   267 H "H1'"  . DG  A 1 9  ? -6.494  7.630   3.354   1.00 0.00 ? 9  DG  A "H1'"  1 
ATOM   268 H H8     . DG  A 1 9  ? -8.938  5.658   1.173   1.00 0.00 ? 9  DG  A H8     1 
ATOM   269 H H1     . DG  A 1 9  ? -4.245  8.794   -1.603  1.00 0.00 ? 9  DG  A H1     1 
ATOM   270 H H21    . DG  A 1 9  ? -2.902  9.651   -0.021  1.00 0.00 ? 9  DG  A H21    1 
ATOM   271 H H22    . DG  A 1 9  ? -3.245  9.351   1.514   1.00 0.00 ? 9  DG  A H22    1 
ATOM   272 P P      . DC  A 1 10 ? -7.804  9.216   5.908   1.00 0.00 ? 10 DC  A P      1 
ATOM   273 O OP1    . DC  A 1 10 ? -7.985  9.387   7.296   1.00 0.00 ? 10 DC  A OP1    1 
ATOM   274 O OP2    . DC  A 1 10 ? -8.861  9.408   5.034   1.00 0.00 ? 10 DC  A OP2    1 
ATOM   275 O "O5'"  . DC  A 1 10 ? -6.709  10.181  5.481   1.00 0.00 ? 10 DC  A "O5'"  1 
ATOM   276 C "C5'"  . DC  A 1 10 ? -5.567  10.355  5.720   1.00 0.00 ? 10 DC  A "C5'"  1 
ATOM   277 C "C4'"  . DC  A 1 10 ? -4.743  11.436  5.148   1.00 0.00 ? 10 DC  A "C4'"  1 
ATOM   278 O "O4'"  . DC  A 1 10 ? -4.679  11.163  3.812   1.00 0.00 ? 10 DC  A "O4'"  1 
ATOM   279 C "C3'"  . DC  A 1 10 ? -5.275  12.793  5.272   1.00 0.00 ? 10 DC  A "C3'"  1 
ATOM   280 O "O3'"  . DC  A 1 10 ? -4.286  13.795  5.233   1.00 0.00 ? 10 DC  A "O3'"  1 
ATOM   281 C "C2'"  . DC  A 1 10 ? -6.138  12.790  4.116   1.00 0.00 ? 10 DC  A "C2'"  1 
ATOM   282 C "C1'"  . DC  A 1 10 ? -5.371  12.092  3.125   1.00 0.00 ? 10 DC  A "C1'"  1 
ATOM   283 N N1     . DC  A 1 10 ? -6.155  11.484  2.071   1.00 0.00 ? 10 DC  A N1     1 
ATOM   284 C C2     . DC  A 1 10 ? -5.677  11.630  0.839   1.00 0.00 ? 10 DC  A C2     1 
ATOM   285 O O2     . DC  A 1 10 ? -4.653  12.236  0.632   1.00 0.00 ? 10 DC  A O2     1 
ATOM   286 N N3     . DC  A 1 10 ? -6.365  11.092  -0.150  1.00 0.00 ? 10 DC  A N3     1 
ATOM   287 C C4     . DC  A 1 10 ? -7.481  10.430  0.053   1.00 0.00 ? 10 DC  A C4     1 
ATOM   288 N N4     . DC  A 1 10 ? -8.134  9.921   -0.932  1.00 0.00 ? 10 DC  A N4     1 
ATOM   289 C C5     . DC  A 1 10 ? -7.992  10.261  1.309   1.00 0.00 ? 10 DC  A C5     1 
ATOM   290 C C6     . DC  A 1 10 ? -7.303  10.803  2.285   1.00 0.00 ? 10 DC  A C6     1 
ATOM   291 H "H5'"  . DC  A 1 10 ? -5.326  9.578   5.538   1.00 0.00 ? 10 DC  A "H5'"  1 
ATOM   292 H "H5''" . DC  A 1 10 ? -5.508  10.455  6.498   1.00 0.00 ? 10 DC  A "H5''" 1 
ATOM   293 H "H4'"  . DC  A 1 10 ? -3.786  11.430  5.572   1.00 0.00 ? 10 DC  A "H4'"  1 
ATOM   294 H "H3'"  . DC  A 1 10 ? -5.769  12.888  6.167   1.00 0.00 ? 10 DC  A "H3'"  1 
ATOM   295 H "H2'"  . DC  A 1 10 ? -7.026  12.262  4.350   1.00 0.00 ? 10 DC  A "H2'"  1 
ATOM   296 H "H2''" . DC  A 1 10 ? -6.338  13.755  3.786   1.00 0.00 ? 10 DC  A "H2''" 1 
ATOM   297 H "H1'"  . DC  A 1 10 ? -4.680  12.803  2.747   1.00 0.00 ? 10 DC  A "H1'"  1 
ATOM   298 H H41    . DC  A 1 10 ? -7.798  10.040  -1.830  1.00 0.00 ? 10 DC  A H41    1 
ATOM   299 H H42    . DC  A 1 10 ? -8.964  9.414   -0.778  1.00 0.00 ? 10 DC  A H42    1 
ATOM   300 H H5     . DC  A 1 10 ? -8.900  9.711   1.476   1.00 0.00 ? 10 DC  A H5     1 
ATOM   301 H H6     . DC  A 1 10 ? -7.713  10.671  3.240   1.00 0.00 ? 10 DC  A H6     1 
ATOM   302 P P      . DC  A 1 11 ? -4.527  15.304  5.143   1.00 0.00 ? 11 DC  A P      1 
ATOM   303 O OP1    . DC  A 1 11 ? -3.706  15.948  6.171   1.00 0.00 ? 11 DC  A OP1    1 
ATOM   304 O OP2    . DC  A 1 11 ? -5.955  15.525  5.063   1.00 0.00 ? 11 DC  A OP2    1 
ATOM   305 O "O5'"  . DC  A 1 11 ? -3.977  15.695  3.765   1.00 0.00 ? 11 DC  A "O5'"  1 
ATOM   306 C "C5'"  . DC  A 1 11 ? -2.627  15.869  3.477   1.00 0.00 ? 11 DC  A "C5'"  1 
ATOM   307 C "C4'"  . DC  A 1 11 ? -2.425  16.470  2.113   1.00 0.00 ? 11 DC  A "C4'"  1 
ATOM   308 O "O4'"  . DC  A 1 11 ? -3.139  15.712  1.144   1.00 0.00 ? 11 DC  A "O4'"  1 
ATOM   309 C "C3'"  . DC  A 1 11 ? -2.947  17.844  2.002   1.00 0.00 ? 11 DC  A "C3'"  1 
ATOM   310 O "O3'"  . DC  A 1 11 ? -2.390  18.487  0.892   1.00 0.00 ? 11 DC  A "O3'"  1 
ATOM   311 C "C2'"  . DC  A 1 11 ? -4.341  17.503  1.715   1.00 0.00 ? 11 DC  A "C2'"  1 
ATOM   312 C "C1'"  . DC  A 1 11 ? -4.200  16.467  0.669   1.00 0.00 ? 11 DC  A "C1'"  1 
ATOM   313 N N1     . DC  A 1 11 ? -5.371  15.649  0.386   1.00 0.00 ? 11 DC  A N1     1 
ATOM   314 C C2     . DC  A 1 11 ? -5.559  15.280  -0.872  1.00 0.00 ? 11 DC  A C2     1 
ATOM   315 O O2     . DC  A 1 11 ? -4.808  15.618  -1.718  1.00 0.00 ? 11 DC  A O2     1 
ATOM   316 N N3     . DC  A 1 11 ? -6.606  14.525  -1.170  1.00 0.00 ? 11 DC  A N3     1 
ATOM   317 C C4     . DC  A 1 11 ? -7.447  14.147  -0.279  1.00 0.00 ? 11 DC  A C4     1 
ATOM   318 N N4     . DC  A 1 11 ? -8.451  13.409  -0.620  1.00 0.00 ? 11 DC  A N4     1 
ATOM   319 C C5     . DC  A 1 11 ? -7.285  14.510  1.017   1.00 0.00 ? 11 DC  A C5     1 
ATOM   320 C C6     . DC  A 1 11 ? -6.236  15.262  1.309   1.00 0.00 ? 11 DC  A C6     1 
ATOM   321 H "H5'"  . DC  A 1 11 ? -2.160  14.936  3.495   1.00 0.00 ? 11 DC  A "H5'"  1 
ATOM   322 H "H5''" . DC  A 1 11 ? -2.169  16.492  4.226   1.00 0.00 ? 11 DC  A "H5''" 1 
ATOM   323 H "H4'"  . DC  A 1 11 ? -1.402  16.494  1.864   1.00 0.00 ? 11 DC  A "H4'"  1 
ATOM   324 H "H3'"  . DC  A 1 11 ? -2.766  18.404  2.889   1.00 0.00 ? 11 DC  A "H3'"  1 
ATOM   325 H "HO3'" . DC  A 1 11 ? -2.502  17.914  0.163   1.00 0.00 ? 11 DC  A "HO3'" 1 
ATOM   326 H "H2'"  . DC  A 1 11 ? -4.721  17.082  2.615   1.00 0.00 ? 11 DC  A "H2'"  1 
ATOM   327 H "H2''" . DC  A 1 11 ? -4.933  18.313  1.429   1.00 0.00 ? 11 DC  A "H2''" 1 
ATOM   328 H "H1'"  . DC  A 1 11 ? -3.868  16.932  -0.231  1.00 0.00 ? 11 DC  A "H1'"  1 
ATOM   329 H H41    . DC  A 1 11 ? -8.580  13.243  -1.566  1.00 0.00 ? 11 DC  A H41    1 
ATOM   330 H H42    . DC  A 1 11 ? -9.070  13.033  0.036   1.00 0.00 ? 11 DC  A H42    1 
ATOM   331 H H5     . DC  A 1 11 ? -7.995  14.188  1.724   1.00 0.00 ? 11 DC  A H5     1 
ATOM   332 H H6     . DC  A 1 11 ? -6.104  15.554  2.300   1.00 0.00 ? 11 DC  A H6     1 
ATOM   333 O "O5'"  . DG  B 2 1  ? -10.335 14.571  -10.726 1.00 0.00 ? 12 DG  B "O5'"  1 
ATOM   334 C "C5'"  . DG  B 2 1  ? -9.575  15.630  -11.198 1.00 0.00 ? 12 DG  B "C5'"  1 
ATOM   335 C "C4'"  . DG  B 2 1  ? -8.299  15.767  -10.550 1.00 0.00 ? 12 DG  B "C4'"  1 
ATOM   336 O "O4'"  . DG  B 2 1  ? -8.542  15.860  -9.226  1.00 0.00 ? 12 DG  B "O4'"  1 
ATOM   337 C "C3'"  . DG  B 2 1  ? -7.426  14.674  -10.759 1.00 0.00 ? 12 DG  B "C3'"  1 
ATOM   338 O "O3'"  . DG  B 2 1  ? -6.143  15.142  -11.073 1.00 0.00 ? 12 DG  B "O3'"  1 
ATOM   339 C "C2'"  . DG  B 2 1  ? -7.575  13.980  -9.519  1.00 0.00 ? 12 DG  B "C2'"  1 
ATOM   340 C "C1'"  . DG  B 2 1  ? -7.695  15.033  -8.610  1.00 0.00 ? 12 DG  B "C1'"  1 
ATOM   341 N N9     . DG  B 2 1  ? -8.228  14.532  -7.418  1.00 0.00 ? 12 DG  B N9     1 
ATOM   342 C C8     . DG  B 2 1  ? -9.359  13.843  -7.228  1.00 0.00 ? 12 DG  B C8     1 
ATOM   343 N N7     . DG  B 2 1  ? -9.539  13.521  -6.052  1.00 0.00 ? 12 DG  B N7     1 
ATOM   344 C C5     . DG  B 2 1  ? -8.448  14.035  -5.420  1.00 0.00 ? 12 DG  B C5     1 
ATOM   345 C C6     . DG  B 2 1  ? -8.094  14.000  -4.122  1.00 0.00 ? 12 DG  B C6     1 
ATOM   346 O O6     . DG  B 2 1  ? -8.672  13.497  -3.241  1.00 0.00 ? 12 DG  B O6     1 
ATOM   347 N N1     . DG  B 2 1  ? -6.930  14.631  -3.876  1.00 0.00 ? 12 DG  B N1     1 
ATOM   348 C C2     . DG  B 2 1  ? -6.181  15.231  -4.772  1.00 0.00 ? 12 DG  B C2     1 
ATOM   349 N N2     . DG  B 2 1  ? -5.078  15.787  -4.383  1.00 0.00 ? 12 DG  B N2     1 
ATOM   350 N N3     . DG  B 2 1  ? -6.500  15.272  -6.000  1.00 0.00 ? 12 DG  B N3     1 
ATOM   351 C C4     . DG  B 2 1  ? -7.646  14.655  -6.251  1.00 0.00 ? 12 DG  B C4     1 
ATOM   352 H "H5'"  . DG  B 2 1  ? -10.105 16.451  -11.026 1.00 0.00 ? 12 DG  B "H5'"  1 
ATOM   353 H "H5''" . DG  B 2 1  ? -9.392  15.553  -12.192 1.00 0.00 ? 12 DG  B "H5''" 1 
ATOM   354 H "H4'"  . DG  B 2 1  ? -7.765  16.603  -10.898 1.00 0.00 ? 12 DG  B "H4'"  1 
ATOM   355 H "H3'"  . DG  B 2 1  ? -7.758  14.096  -11.502 1.00 0.00 ? 12 DG  B "H3'"  1 
ATOM   356 H "H2'"  . DG  B 2 1  ? -8.482  13.406  -9.526  1.00 0.00 ? 12 DG  B "H2'"  1 
ATOM   357 H "H2''" . DG  B 2 1  ? -6.767  13.392  -9.291  1.00 0.00 ? 12 DG  B "H2''" 1 
ATOM   358 H "H1'"  . DG  B 2 1  ? -6.747  15.490  -8.496  1.00 0.00 ? 12 DG  B "H1'"  1 
ATOM   359 H H8     . DG  B 2 1  ? -10.035 13.589  -7.998  1.00 0.00 ? 12 DG  B H8     1 
ATOM   360 H H1     . DG  B 2 1  ? -6.657  14.612  -2.953  1.00 0.00 ? 12 DG  B H1     1 
ATOM   361 H H21    . DG  B 2 1  ? -4.821  15.801  -3.465  1.00 0.00 ? 12 DG  B H21    1 
ATOM   362 H H22    . DG  B 2 1  ? -4.510  16.186  -5.038  1.00 0.00 ? 12 DG  B H22    1 
ATOM   363 H "HO5'" . DG  B 2 1  ? -10.237 14.576  -9.862  1.00 0.00 ? 12 DG  B "HO5'" 1 
ATOM   364 P P      . DG  B 2 2  ? -4.917  14.288  -11.088 1.00 0.00 ? 13 DG  B P      1 
ATOM   365 O OP1    . DG  B 2 2  ? -3.969  14.844  -12.006 1.00 0.00 ? 13 DG  B OP1    1 
ATOM   366 O OP2    . DG  B 2 2  ? -5.353  12.983  -11.178 1.00 0.00 ? 13 DG  B OP2    1 
ATOM   367 O "O5'"  . DG  B 2 2  ? -4.372  14.457  -9.742  1.00 0.00 ? 13 DG  B "O5'"  1 
ATOM   368 C "C5'"  . DG  B 2 2  ? -3.740  15.617  -9.389  1.00 0.00 ? 13 DG  B "C5'"  1 
ATOM   369 C "C4'"  . DG  B 2 2  ? -2.951  15.429  -8.225  1.00 0.00 ? 13 DG  B "C4'"  1 
ATOM   370 O "O4'"  . DG  B 2 2  ? -3.757  15.030  -7.154  1.00 0.00 ? 13 DG  B "O4'"  1 
ATOM   371 C "C3'"  . DG  B 2 2  ? -1.869  14.430  -8.374  1.00 0.00 ? 13 DG  B "C3'"  1 
ATOM   372 O "O3'"  . DG  B 2 2  ? -0.748  14.943  -7.775  1.00 0.00 ? 13 DG  B "O3'"  1 
ATOM   373 C "C2'"  . DG  B 2 2  ? -2.440  13.237  -7.692  1.00 0.00 ? 13 DG  B "C2'"  1 
ATOM   374 C "C1'"  . DG  B 2 2  ? -3.227  13.846  -6.588  1.00 0.00 ? 13 DG  B "C1'"  1 
ATOM   375 N N9     . DG  B 2 2  ? -4.299  12.967  -6.103  1.00 0.00 ? 13 DG  B N9     1 
ATOM   376 C C8     . DG  B 2 2  ? -5.272  12.316  -6.773  1.00 0.00 ? 13 DG  B C8     1 
ATOM   377 N N7     . DG  B 2 2  ? -6.081  11.621  -6.027  1.00 0.00 ? 13 DG  B N7     1 
ATOM   378 C C5     . DG  B 2 2  ? -5.599  11.836  -4.770  1.00 0.00 ? 13 DG  B C5     1 
ATOM   379 C C6     . DG  B 2 2  ? -6.049  11.356  -3.532  1.00 0.00 ? 13 DG  B C6     1 
ATOM   380 O O6     . DG  B 2 2  ? -6.984  10.619  -3.253  1.00 0.00 ? 13 DG  B O6     1 
ATOM   381 N N1     . DG  B 2 2  ? -5.270  11.825  -2.532  1.00 0.00 ? 13 DG  B N1     1 
ATOM   382 C C2     . DG  B 2 2  ? -4.195  12.650  -2.690  1.00 0.00 ? 13 DG  B C2     1 
ATOM   383 N N2     . DG  B 2 2  ? -3.525  13.001  -1.650  1.00 0.00 ? 13 DG  B N2     1 
ATOM   384 N N3     . DG  B 2 2  ? -3.770  13.102  -3.831  1.00 0.00 ? 13 DG  B N3     1 
ATOM   385 C C4     . DG  B 2 2  ? -4.514  12.657  -4.822  1.00 0.00 ? 13 DG  B C4     1 
ATOM   386 H "H5'"  . DG  B 2 2  ? -4.451  16.331  -9.150  1.00 0.00 ? 13 DG  B "H5'"  1 
ATOM   387 H "H5''" . DG  B 2 2  ? -3.129  15.984  -10.166 1.00 0.00 ? 13 DG  B "H5''" 1 
ATOM   388 H "H4'"  . DG  B 2 2  ? -2.503  16.339  -8.010  1.00 0.00 ? 13 DG  B "H4'"  1 
ATOM   389 H "H3'"  . DG  B 2 2  ? -1.662  14.260  -9.377  1.00 0.00 ? 13 DG  B "H3'"  1 
ATOM   390 H "H2'"  . DG  B 2 2  ? -3.086  12.743  -8.379  1.00 0.00 ? 13 DG  B "H2'"  1 
ATOM   391 H "H2''" . DG  B 2 2  ? -1.712  12.525  -7.354  1.00 0.00 ? 13 DG  B "H2''" 1 
ATOM   392 H "H1'"  . DG  B 2 2  ? -2.591  14.137  -5.781  1.00 0.00 ? 13 DG  B "H1'"  1 
ATOM   393 H H8     . DG  B 2 2  ? -5.343  12.378  -7.836  1.00 0.00 ? 13 DG  B H8     1 
ATOM   394 H H1     . DG  B 2 2  ? -5.546  11.521  -1.630  1.00 0.00 ? 13 DG  B H1     1 
ATOM   395 H H21    . DG  B 2 2  ? -3.854  12.844  -0.739  1.00 0.00 ? 13 DG  B H21    1 
ATOM   396 H H22    . DG  B 2 2  ? -2.660  13.434  -1.828  1.00 0.00 ? 13 DG  B H22    1 
ATOM   397 P P      . DC  B 2 3  ? 0.497   14.116  -7.253  1.00 0.00 ? 14 DC  B P      1 
ATOM   398 O OP1    . DC  B 2 3  ? 1.629   15.028  -7.157  1.00 0.00 ? 14 DC  B OP1    1 
ATOM   399 O OP2    . DC  B 2 3  ? 0.606   12.916  -8.061  1.00 0.00 ? 14 DC  B OP2    1 
ATOM   400 O "O5'"  . DC  B 2 3  ? 0.098   13.690  -5.777  1.00 0.00 ? 14 DC  B "O5'"  1 
ATOM   401 C "C5'"  . DC  B 2 3  ? 0.174   14.585  -4.680  1.00 0.00 ? 14 DC  B "C5'"  1 
ATOM   402 C "C4'"  . DC  B 2 3  ? 0.206   13.854  -3.367  1.00 0.00 ? 14 DC  B "C4'"  1 
ATOM   403 O "O4'"  . DC  B 2 3  ? -0.945  13.047  -3.196  1.00 0.00 ? 14 DC  B "O4'"  1 
ATOM   404 C "C3'"  . DC  B 2 3  ? 1.402   12.939  -3.232  1.00 0.00 ? 14 DC  B "C3'"  1 
ATOM   405 O "O3'"  . DC  B 2 3  ? 1.953   13.052  -1.938  1.00 0.00 ? 14 DC  B "O3'"  1 
ATOM   406 C "C2'"  . DC  B 2 3  ? 0.798   11.601  -3.523  1.00 0.00 ? 14 DC  B "C2'"  1 
ATOM   407 C "C1'"  . DC  B 2 3  ? -0.568  11.718  -2.920  1.00 0.00 ? 14 DC  B "C1'"  1 
ATOM   408 N N1     . DC  B 2 3  ? -1.595  10.825  -3.471  1.00 0.00 ? 14 DC  B N1     1 
ATOM   409 C C2     . DC  B 2 3  ? -2.370  10.152  -2.574  1.00 0.00 ? 14 DC  B C2     1 
ATOM   410 O O2     . DC  B 2 3  ? -2.203  10.274  -1.387  1.00 0.00 ? 14 DC  B O2     1 
ATOM   411 N N3     . DC  B 2 3  ? -3.335  9.344   -3.019  1.00 0.00 ? 14 DC  B N3     1 
ATOM   412 C C4     . DC  B 2 3  ? -3.546  9.193   -4.300  1.00 0.00 ? 14 DC  B C4     1 
ATOM   413 N N4     . DC  B 2 3  ? -4.517  8.390   -4.663  1.00 0.00 ? 14 DC  B N4     1 
ATOM   414 C C5     . DC  B 2 3  ? -2.758  9.876   -5.256  1.00 0.00 ? 14 DC  B C5     1 
ATOM   415 C C6     . DC  B 2 3  ? -1.797  10.678  -4.796  1.00 0.00 ? 14 DC  B C6     1 
ATOM   416 H "H5'"  . DC  B 2 3  ? -0.682  15.239  -4.687  1.00 0.00 ? 14 DC  B "H5'"  1 
ATOM   417 H "H5''" . DC  B 2 3  ? 1.066   15.184  -4.754  1.00 0.00 ? 14 DC  B "H5''" 1 
ATOM   418 H "H4'"  . DC  B 2 3  ? 0.231   14.566  -2.563  1.00 0.00 ? 14 DC  B "H4'"  1 
ATOM   419 H "H3'"  . DC  B 2 3  ? 2.142   13.212  -3.950  1.00 0.00 ? 14 DC  B "H3'"  1 
ATOM   420 H "H2'"  . DC  B 2 3  ? 0.738   11.531  -4.593  1.00 0.00 ? 14 DC  B "H2'"  1 
ATOM   421 H "H2''" . DC  B 2 3  ? 1.381   10.764  -3.172  1.00 0.00 ? 14 DC  B "H2''" 1 
ATOM   422 H "H1'"  . DC  B 2 3  ? -0.531  11.635  -1.853  1.00 0.00 ? 14 DC  B "H1'"  1 
ATOM   423 H H41    . DC  B 2 3  ? -5.027  7.881   -3.995  1.00 0.00 ? 14 DC  B H41    1 
ATOM   424 H H42    . DC  B 2 3  ? -4.752  8.291   -5.586  1.00 0.00 ? 14 DC  B H42    1 
ATOM   425 H H5     . DC  B 2 3  ? -2.927  9.769   -6.309  1.00 0.00 ? 14 DC  B H5     1 
ATOM   426 H H6     . DC  B 2 3  ? -1.177  11.198  -5.510  1.00 0.00 ? 14 DC  B H6     1 
ATOM   427 P P      . DG  B 2 4  ? 3.010   12.118  -1.310  1.00 0.00 ? 15 DG  B P      1 
ATOM   428 O OP1    . DG  B 2 4  ? 3.825   12.937  -0.434  1.00 0.00 ? 15 DG  B OP1    1 
ATOM   429 O OP2    . DG  B 2 4  ? 3.589   11.314  -2.357  1.00 0.00 ? 15 DG  B OP2    1 
ATOM   430 O "O5'"  . DG  B 2 4  ? 2.144   11.177  -0.444  1.00 0.00 ? 15 DG  B "O5'"  1 
ATOM   431 C "C5'"  . DG  B 2 4  ? 1.585   11.633  0.772   1.00 0.00 ? 15 DG  B "C5'"  1 
ATOM   432 C "C4'"  . DG  B 2 4  ? 1.198   10.490  1.702   1.00 0.00 ? 15 DG  B "C4'"  1 
ATOM   433 O "O4'"  . DG  B 2 4  ? 0.113   9.683   1.221   1.00 0.00 ? 15 DG  B "O4'"  1 
ATOM   434 C "C3'"  . DG  B 2 4  ? 2.344   9.538   1.976   1.00 0.00 ? 15 DG  B "C3'"  1 
ATOM   435 O "O3'"  . DG  B 2 4  ? 2.291   9.026   3.290   1.00 0.00 ? 15 DG  B "O3'"  1 
ATOM   436 C "C2'"  . DG  B 2 4  ? 2.022   8.463   0.974   1.00 0.00 ? 15 DG  B "C2'"  1 
ATOM   437 C "C1'"  . DG  B 2 4  ? 0.547   8.325   1.095   1.00 0.00 ? 15 DG  B "C1'"  1 
ATOM   438 N N9     . DG  B 2 4  ? -0.156  7.750   -0.049  1.00 0.00 ? 15 DG  B N9     1 
ATOM   439 C C8     . DG  B 2 4  ? 0.054   7.933   -1.368  1.00 0.00 ? 15 DG  B C8     1 
ATOM   440 N N7     . DG  B 2 4  ? -0.802  7.315   -2.123  1.00 0.00 ? 15 DG  B N7     1 
ATOM   441 C C5     . DG  B 2 4  ? -1.637  6.677   -1.232  1.00 0.00 ? 15 DG  B C5     1 
ATOM   442 C C6     . DG  B 2 4  ? -2.766  5.847   -1.449  1.00 0.00 ? 15 DG  B C6     1 
ATOM   443 O O6     . DG  B 2 4  ? -3.309  5.503   -2.478  1.00 0.00 ? 15 DG  B O6     1 
ATOM   444 N N1     . DG  B 2 4  ? -3.307  5.419   -0.274  1.00 0.00 ? 15 DG  B N1     1 
ATOM   445 C C2     . DG  B 2 4  ? -2.835  5.737   0.953   1.00 0.00 ? 15 DG  B C2     1 
ATOM   446 N N2     . DG  B 2 4  ? -3.460  5.229   1.972   1.00 0.00 ? 15 DG  B N2     1 
ATOM   447 N N3     . DG  B 2 4  ? -1.788  6.509   1.169   1.00 0.00 ? 15 DG  B N3     1 
ATOM   448 C C4     . DG  B 2 4  ? -1.240  6.941   0.034   1.00 0.00 ? 15 DG  B C4     1 
ATOM   449 H "H5'"  . DG  B 2 4  ? 0.711   12.217  0.554   1.00 0.00 ? 15 DG  B "H5'"  1 
ATOM   450 H "H5''" . DG  B 2 4  ? 2.303   12.271  1.269   1.00 0.00 ? 15 DG  B "H5''" 1 
ATOM   451 H "H4'"  . DG  B 2 4  ? 0.898   10.929  2.634   1.00 0.00 ? 15 DG  B "H4'"  1 
ATOM   452 H "H3'"  . DG  B 2 4  ? 3.283   10.036  1.819   1.00 0.00 ? 15 DG  B "H3'"  1 
ATOM   453 H "H2'"  . DG  B 2 4  ? 2.285   8.818   -0.007  1.00 0.00 ? 15 DG  B "H2'"  1 
ATOM   454 H "H2''" . DG  B 2 4  ? 2.483   7.510   1.207   1.00 0.00 ? 15 DG  B "H2''" 1 
ATOM   455 H "H1'"  . DG  B 2 4  ? 0.353   7.746   1.984   1.00 0.00 ? 15 DG  B "H1'"  1 
ATOM   456 H H8     . DG  B 2 4  ? 0.868   8.533   -1.740  1.00 0.00 ? 15 DG  B H8     1 
ATOM   457 H H1     . DG  B 2 4  ? -4.117  4.832   -0.350  1.00 0.00 ? 15 DG  B H1     1 
ATOM   458 H H21    . DG  B 2 4  ? -4.278  4.664   1.857   1.00 0.00 ? 15 DG  B H21    1 
ATOM   459 H H22    . DG  B 2 4  ? -3.105  5.414   2.871   1.00 0.00 ? 15 DG  B H22    1 
ATOM   460 P P      . DT  B 2 5  ? 3.296   7.972   3.884   1.00 0.00 ? 16 DT  B P      1 
ATOM   461 O OP1    . DT  B 2 5  ? 4.432   8.713   4.281   1.00 0.00 ? 16 DT  B OP1    1 
ATOM   462 O OP2    . DT  B 2 5  ? 3.438   6.878   2.995   1.00 0.00 ? 16 DT  B OP2    1 
ATOM   463 O "O5'"  . DT  B 2 5  ? 2.587   7.419   5.168   1.00 0.00 ? 16 DT  B "O5'"  1 
ATOM   464 C "C5'"  . DT  B 2 5  ? 2.769   6.085   5.652   1.00 0.00 ? 16 DT  B "C5'"  1 
ATOM   465 C "C4'"  . DT  B 2 5  ? 1.420   5.441   5.844   1.00 0.00 ? 16 DT  B "C4'"  1 
ATOM   466 O "O4'"  . DT  B 2 5  ? 0.695   5.492   4.624   1.00 0.00 ? 16 DT  B "O4'"  1 
ATOM   467 C "C3'"  . DT  B 2 5  ? 1.398   3.980   6.313   1.00 0.00 ? 16 DT  B "C3'"  1 
ATOM   468 O "O3'"  . DT  B 2 5  ? 0.325   3.793   7.207   1.00 0.00 ? 16 DT  B "O3'"  1 
ATOM   469 C "C2'"  . DT  B 2 5  ? 1.135   3.269   5.024   1.00 0.00 ? 16 DT  B "C2'"  1 
ATOM   470 C "C1'"  . DT  B 2 5  ? 0.182   4.196   4.336   1.00 0.00 ? 16 DT  B "C1'"  1 
ATOM   471 N N1     . DT  B 2 5  ? 0.126   3.999   2.882   1.00 0.00 ? 16 DT  B N1     1 
ATOM   472 C C2     . DT  B 2 5  ? -0.995  3.398   2.378   1.00 0.00 ? 16 DT  B C2     1 
ATOM   473 O O2     . DT  B 2 5  ? -1.915  3.015   3.071   1.00 0.00 ? 16 DT  B O2     1 
ATOM   474 N N3     . DT  B 2 5  ? -1.036  3.245   1.030   1.00 0.00 ? 16 DT  B N3     1 
ATOM   475 C C4     . DT  B 2 5  ? -0.084  3.624   0.146   1.00 0.00 ? 16 DT  B C4     1 
ATOM   476 O O4     . DT  B 2 5  ? -0.286  3.426   -1.040  1.00 0.00 ? 16 DT  B O4     1 
ATOM   477 C C5     . DT  B 2 5  ? 1.067   4.245   0.741   1.00 0.00 ? 16 DT  B C5     1 
ATOM   478 C C7     . DT  B 2 5  ? 2.211   4.704   -0.139  1.00 0.00 ? 16 DT  B C7     1 
ATOM   479 C C6     . DT  B 2 5  ? 1.134   4.410   2.066   1.00 0.00 ? 16 DT  B C6     1 
ATOM   480 H "H5'"  . DT  B 2 5  ? 3.272   6.131   6.601   1.00 0.00 ? 16 DT  B "H5'"  1 
ATOM   481 H "H5''" . DT  B 2 5  ? 3.367   5.509   4.964   1.00 0.00 ? 16 DT  B "H5''" 1 
ATOM   482 H "H4'"  . DT  B 2 5  ? 0.885   6.025   6.569   1.00 0.00 ? 16 DT  B "H4'"  1 
ATOM   483 H "H3'"  . DT  B 2 5  ? 2.302   3.694   6.812   1.00 0.00 ? 16 DT  B "H3'"  1 
ATOM   484 H "H2'"  . DT  B 2 5  ? 2.027   3.189   4.432   1.00 0.00 ? 16 DT  B "H2'"  1 
ATOM   485 H "H2''" . DT  B 2 5  ? 0.691   2.289   5.159   1.00 0.00 ? 16 DT  B "H2''" 1 
ATOM   486 H "H1'"  . DT  B 2 5  ? -0.797  4.089   4.787   1.00 0.00 ? 16 DT  B "H1'"  1 
ATOM   487 H H3     . DT  B 2 5  ? -1.839  2.802   0.645   1.00 0.00 ? 16 DT  B H3     1 
ATOM   488 H H71    . DT  B 2 5  ? 2.342   5.527   -0.276  1.00 0.00 ? 16 DT  B H71    1 
ATOM   489 H H72    . DT  B 2 5  ? 2.934   4.481   0.090   1.00 0.00 ? 16 DT  B H72    1 
ATOM   490 H H73    . DT  B 2 5  ? 2.173   4.438   -0.880  1.00 0.00 ? 16 DT  B H73    1 
ATOM   491 H H6     . DT  B 2 5  ? 2.006   4.877   2.508   1.00 0.00 ? 16 DT  B H6     1 
ATOM   492 P P      . DC  B 2 6  ? 0.094   2.470   8.062   1.00 0.00 ? 17 DC  B P      1 
ATOM   493 O OP1    . DC  B 2 6  ? -0.808  2.815   9.136   1.00 0.00 ? 17 DC  B OP1    1 
ATOM   494 O OP2    . DC  B 2 6  ? 1.384   1.904   8.362   1.00 0.00 ? 17 DC  B OP2    1 
ATOM   495 O "O5'"  . DC  B 2 6  ? -0.666  1.462   7.081   1.00 0.00 ? 17 DC  B "O5'"  1 
ATOM   496 C "C5'"  . DC  B 2 6  ? -2.078  1.375   7.000   1.00 0.00 ? 17 DC  B "C5'"  1 
ATOM   497 C "C4'"  . DC  B 2 6  ? -2.551  0.080   6.387   1.00 0.00 ? 17 DC  B "C4'"  1 
ATOM   498 O "O4'"  . DC  B 2 6  ? -2.249  0.040   5.019   1.00 0.00 ? 17 DC  B "O4'"  1 
ATOM   499 C "C3'"  . DC  B 2 6  ? -1.979  -1.160  7.036   1.00 0.00 ? 17 DC  B "C3'"  1 
ATOM   500 O "O3'"  . DC  B 2 6  ? -2.915  -2.201  7.011   1.00 0.00 ? 17 DC  B "O3'"  1 
ATOM   501 C "C2'"  . DC  B 2 6  ? -0.831  -1.373  6.122   1.00 0.00 ? 17 DC  B "C2'"  1 
ATOM   502 C "C1'"  . DC  B 2 6  ? -1.418  -1.068  4.777   1.00 0.00 ? 17 DC  B "C1'"  1 
ATOM   503 N N1     . DC  B 2 6  ? -0.537  -0.687  3.676   1.00 0.00 ? 17 DC  B N1     1 
ATOM   504 C C2     . DC  B 2 6  ? -0.926  -1.036  2.417   1.00 0.00 ? 17 DC  B C2     1 
ATOM   505 O O2     . DC  B 2 6  ? -1.950  -1.649  2.214   1.00 0.00 ? 17 DC  B O2     1 
ATOM   506 N N3     . DC  B 2 6  ? -0.144  -0.674  1.410   1.00 0.00 ? 17 DC  B N3     1 
ATOM   507 C C4     . DC  B 2 6  ? 0.973   -0.004  1.608   1.00 0.00 ? 17 DC  B C4     1 
ATOM   508 N N4     . DC  B 2 6  ? 1.710   0.337   0.593   1.00 0.00 ? 17 DC  B N4     1 
ATOM   509 C C5     . DC  B 2 6  ? 1.390   0.358   2.889   1.00 0.00 ? 17 DC  B C5     1 
ATOM   510 C C6     . DC  B 2 6  ? 0.608   -0.004  3.889   1.00 0.00 ? 17 DC  B C6     1 
ATOM   511 H "H5'"  . DC  B 2 6  ? -2.443  2.180   6.385   1.00 0.00 ? 17 DC  B "H5'"  1 
ATOM   512 H "H5''" . DC  B 2 6  ? -2.496  1.461   7.978   1.00 0.00 ? 17 DC  B "H5''" 1 
ATOM   513 H "H4'"  . DC  B 2 6  ? -3.603  0.014   6.503   1.00 0.00 ? 17 DC  B "H4'"  1 
ATOM   514 H "H3'"  . DC  B 2 6  ? -1.675  -0.951  8.033   1.00 0.00 ? 17 DC  B "H3'"  1 
ATOM   515 H "H2'"  . DC  B 2 6  ? -0.148  -0.593  6.382   1.00 0.00 ? 17 DC  B "H2'"  1 
ATOM   516 H "H2''" . DC  B 2 6  ? -0.460  -2.378  6.187   1.00 0.00 ? 17 DC  B "H2''" 1 
ATOM   517 H "H1'"  . DC  B 2 6  ? -2.013  -1.925  4.521   1.00 0.00 ? 17 DC  B "H1'"  1 
ATOM   518 H H41    . DC  B 2 6  ? 1.447   0.060   -0.321  1.00 0.00 ? 17 DC  B H41    1 
ATOM   519 H H42    . DC  B 2 6  ? 2.533   0.872   0.740   1.00 0.00 ? 17 DC  B H42    1 
ATOM   520 H H5     . DC  B 2 6  ? 2.305   0.901   3.031   1.00 0.00 ? 17 DC  B H5     1 
ATOM   521 H H6     . DC  B 2 6  ? 0.896   0.260   4.882   1.00 0.00 ? 17 DC  B H6     1 
ATOM   522 P P      . DT  B 2 7  ? -3.064  -3.254  8.149   1.00 0.00 ? 18 DT  B P      1 
ATOM   523 O OP1    . DT  B 2 7  ? -3.806  -2.606  9.241   1.00 0.00 ? 18 DT  B OP1    1 
ATOM   524 O OP2    . DT  B 2 7  ? -1.760  -3.854  8.381   1.00 0.00 ? 18 DT  B OP2    1 
ATOM   525 O "O5'"  . DT  B 2 7  ? -3.949  -4.375  7.542   1.00 0.00 ? 18 DT  B "O5'"  1 
ATOM   526 C "C5'"  . DT  B 2 7  ? -5.168  -4.188  6.906   1.00 0.00 ? 18 DT  B "C5'"  1 
ATOM   527 C "C4'"  . DT  B 2 7  ? -5.278  -4.911  5.628   1.00 0.00 ? 18 DT  B "C4'"  1 
ATOM   528 O "O4'"  . DT  B 2 7  ? -4.173  -4.553  4.866   1.00 0.00 ? 18 DT  B "O4'"  1 
ATOM   529 C "C3'"  . DT  B 2 7  ? -5.302  -6.401  5.762   1.00 0.00 ? 18 DT  B "C3'"  1 
ATOM   530 O "O3'"  . DT  B 2 7  ? -6.183  -7.028  4.858   1.00 0.00 ? 18 DT  B "O3'"  1 
ATOM   531 C "C2'"  . DT  B 2 7  ? -3.871  -6.694  5.552   1.00 0.00 ? 18 DT  B "C2'"  1 
ATOM   532 C "C1'"  . DT  B 2 7  ? -3.422  -5.682  4.562   1.00 0.00 ? 18 DT  B "C1'"  1 
ATOM   533 N N1     . DT  B 2 7  ? -1.982  -5.352  4.604   1.00 0.00 ? 18 DT  B N1     1 
ATOM   534 C C2     . DT  B 2 7  ? -1.372  -5.083  3.396   1.00 0.00 ? 18 DT  B C2     1 
ATOM   535 O O2     . DT  B 2 7  ? -1.939  -5.082  2.329   1.00 0.00 ? 18 DT  B O2     1 
ATOM   536 N N3     . DT  B 2 7  ? -0.054  -4.787  3.432   1.00 0.00 ? 18 DT  B N3     1 
ATOM   537 C C4     . DT  B 2 7  ? 0.719   -4.727  4.534   1.00 0.00 ? 18 DT  B C4     1 
ATOM   538 O O4     . DT  B 2 7  ? 1.894   -4.447  4.426   1.00 0.00 ? 18 DT  B O4     1 
ATOM   539 C C5     . DT  B 2 7  ? 0.032   -5.011  5.755   1.00 0.00 ? 18 DT  B C5     1 
ATOM   540 C C7     . DT  B 2 7  ? 0.814   -4.949  7.044   1.00 0.00 ? 18 DT  B C7     1 
ATOM   541 C C6     . DT  B 2 7  ? -1.269  -5.310  5.765   1.00 0.00 ? 18 DT  B C6     1 
ATOM   542 H "H5'"  . DT  B 2 7  ? -5.285  -3.174  6.694   1.00 0.00 ? 18 DT  B "H5'"  1 
ATOM   543 H "H5''" . DT  B 2 7  ? -5.934  -4.513  7.529   1.00 0.00 ? 18 DT  B "H5''" 1 
ATOM   544 H "H4'"  . DT  B 2 7  ? -6.134  -4.605  5.109   1.00 0.00 ? 18 DT  B "H4'"  1 
ATOM   545 H "H3'"  . DT  B 2 7  ? -5.607  -6.660  6.736   1.00 0.00 ? 18 DT  B "H3'"  1 
ATOM   546 H "H2'"  . DT  B 2 7  ? -3.449  -6.525  6.514   1.00 0.00 ? 18 DT  B "H2'"  1 
ATOM   547 H "H2''" . DT  B 2 7  ? -3.699  -7.677  5.206   1.00 0.00 ? 18 DT  B "H2''" 1 
ATOM   548 H "H1'"  . DT  B 2 7  ? -3.703  -6.027  3.587   1.00 0.00 ? 18 DT  B "H1'"  1 
ATOM   549 H H3     . DT  B 2 7  ? 0.379   -4.589  2.551   1.00 0.00 ? 18 DT  B H3     1 
ATOM   550 H H71    . DT  B 2 7  ? 0.668   -5.831  7.632   1.00 0.00 ? 18 DT  B H71    1 
ATOM   551 H H72    . DT  B 2 7  ? 1.846   -4.844  6.798   1.00 0.00 ? 18 DT  B H72    1 
ATOM   552 H H73    . DT  B 2 7  ? 0.506   -4.092  7.603   1.00 0.00 ? 18 DT  B H73    1 
ATOM   553 H H6     . DT  B 2 7  ? -1.723  -5.513  6.728   1.00 0.00 ? 18 DT  B H6     1 
ATOM   554 P P      . DC  B 2 8  ? -6.117  -8.555  4.396   1.00 0.00 ? 19 DC  B P      1 
ATOM   555 O OP1    . DC  B 2 8  ? -7.453  -8.979  4.105   1.00 0.00 ? 19 DC  B OP1    1 
ATOM   556 O OP2    . DC  B 2 8  ? -5.342  -9.290  5.355   1.00 0.00 ? 19 DC  B OP2    1 
ATOM   557 O "O5'"  . DC  B 2 8  ? -5.273  -8.520  3.042   1.00 0.00 ? 19 DC  B "O5'"  1 
ATOM   558 C "C5'"  . DC  B 2 8  ? -5.656  -7.800  1.893   1.00 0.00 ? 19 DC  B "C5'"  1 
ATOM   559 C "C4'"  . DC  B 2 8  ? -4.624  -7.874  0.783   1.00 0.00 ? 19 DC  B "C4'"  1 
ATOM   560 O "O4'"  . DC  B 2 8  ? -3.365  -7.430  1.275   1.00 0.00 ? 19 DC  B "O4'"  1 
ATOM   561 C "C3'"  . DC  B 2 8  ? -4.426  -9.273  0.196   1.00 0.00 ? 19 DC  B "C3'"  1 
ATOM   562 O "O3'"  . DC  B 2 8  ? -4.346  -9.241  -1.231  1.00 0.00 ? 19 DC  B "O3'"  1 
ATOM   563 C "C2'"  . DC  B 2 8  ? -3.154  -9.648  0.864   1.00 0.00 ? 19 DC  B "C2'"  1 
ATOM   564 C "C1'"  . DC  B 2 8  ? -2.385  -8.363  0.873   1.00 0.00 ? 19 DC  B "C1'"  1 
ATOM   565 N N1     . DC  B 2 8  ? -1.203  -8.307  1.763   1.00 0.00 ? 19 DC  B N1     1 
ATOM   566 C C2     . DC  B 2 8  ? -0.066  -7.679  1.283   1.00 0.00 ? 19 DC  B C2     1 
ATOM   567 O O2     . DC  B 2 8  ? -0.011  -7.188  0.163   1.00 0.00 ? 19 DC  B O2     1 
ATOM   568 N N3     . DC  B 2 8  ? 1.021   -7.610  2.080   1.00 0.00 ? 19 DC  B N3     1 
ATOM   569 C C4     . DC  B 2 8  ? 1.010   -8.132  3.301   1.00 0.00 ? 19 DC  B C4     1 
ATOM   570 N N4     . DC  B 2 8  ? 2.100   -8.023  4.042   1.00 0.00 ? 19 DC  B N4     1 
ATOM   571 C C5     . DC  B 2 8  ? -0.146  -8.784  3.817   1.00 0.00 ? 19 DC  B C5     1 
ATOM   572 C C6     . DC  B 2 8  ? -1.224  -8.844  3.018   1.00 0.00 ? 19 DC  B C6     1 
ATOM   573 H "H5'"  . DC  B 2 8  ? -5.793  -6.777  2.174   1.00 0.00 ? 19 DC  B "H5'"  1 
ATOM   574 H "H5''" . DC  B 2 8  ? -6.574  -8.184  1.509   1.00 0.00 ? 19 DC  B "H5''" 1 
ATOM   575 H "H4'"  . DC  B 2 8  ? -4.904  -7.231  -0.021  1.00 0.00 ? 19 DC  B "H4'"  1 
ATOM   576 H "H3'"  . DC  B 2 8  ? -5.228  -9.901  0.492   1.00 0.00 ? 19 DC  B "H3'"  1 
ATOM   577 H "H2'"  . DC  B 2 8  ? -3.402  -9.942  1.870   1.00 0.00 ? 19 DC  B "H2'"  1 
ATOM   578 H "H2''" . DC  B 2 8  ? -2.625  -10.435 0.354   1.00 0.00 ? 19 DC  B "H2''" 1 
ATOM   579 H "H1'"  . DC  B 2 8  ? -2.111  -8.165  -0.157  1.00 0.00 ? 19 DC  B "H1'"  1 
ATOM   580 H H41    . DC  B 2 8  ? 2.869   -7.473  3.698   1.00 0.00 ? 19 DC  B H41    1 
ATOM   581 H H42    . DC  B 2 8  ? 2.166   -8.471  4.935   1.00 0.00 ? 19 DC  B H42    1 
ATOM   582 H H5     . DC  B 2 8  ? -0.163  -9.231  4.807   1.00 0.00 ? 19 DC  B H5     1 
ATOM   583 H H6     . DC  B 2 8  ? -2.116  -9.325  3.408   1.00 0.00 ? 19 DC  B H6     1 
ATOM   584 P P      . DG  B 2 9  ? -4.247  -10.371 -2.290  1.00 0.00 ? 20 DG  B P      1 
ATOM   585 O OP1    . DG  B 2 9  ? -5.176  -10.149 -3.331  1.00 0.00 ? 20 DG  B OP1    1 
ATOM   586 O OP2    . DG  B 2 9  ? -4.246  -11.572 -1.545  1.00 0.00 ? 20 DG  B OP2    1 
ATOM   587 O "O5'"  . DG  B 2 9  ? -2.882  -10.177 -2.966  1.00 0.00 ? 20 DG  B "O5'"  1 
ATOM   588 C "C5'"  . DG  B 2 9  ? -2.640  -9.244  -3.995  1.00 0.00 ? 20 DG  B "C5'"  1 
ATOM   589 C "C4'"  . DG  B 2 9  ? -1.194  -9.212  -4.400  1.00 0.00 ? 20 DG  B "C4'"  1 
ATOM   590 O "O4'"  . DG  B 2 9  ? -0.342  -8.877  -3.285  1.00 0.00 ? 20 DG  B "O4'"  1 
ATOM   591 C "C3'"  . DG  B 2 9  ? -0.718  -10.544 -4.956  1.00 0.00 ? 20 DG  B "C3'"  1 
ATOM   592 O "O3'"  . DG  B 2 9  ? 0.119   -10.332 -6.086  1.00 0.00 ? 20 DG  B "O3'"  1 
ATOM   593 C "C2'"  . DG  B 2 9  ? -0.013  -11.074 -3.744  1.00 0.00 ? 20 DG  B "C2'"  1 
ATOM   594 C "C1'"  . DG  B 2 9  ? 0.680   -9.853  -3.201  1.00 0.00 ? 20 DG  B "C1'"  1 
ATOM   595 N N9     . DG  B 2 9  ? 1.169   -9.980  -1.835  1.00 0.00 ? 20 DG  B N9     1 
ATOM   596 C C8     . DG  B 2 9  ? 0.572   -10.543 -0.758  1.00 0.00 ? 20 DG  B C8     1 
ATOM   597 N N7     . DG  B 2 9  ? 1.273   -10.478 0.327   1.00 0.00 ? 20 DG  B N7     1 
ATOM   598 C C5     . DG  B 2 9  ? 2.424   -9.822  -0.070  1.00 0.00 ? 20 DG  B C5     1 
ATOM   599 C C6     . DG  B 2 9  ? 3.565   -9.456  0.663   1.00 0.00 ? 20 DG  B C6     1 
ATOM   600 O O6     . DG  B 2 9  ? 3.813   -9.630  1.838   1.00 0.00 ? 20 DG  B O6     1 
ATOM   601 N N1     . DG  B 2 9  ? 4.489   -8.817  -0.112  1.00 0.00 ? 20 DG  B N1     1 
ATOM   602 C C2     . DG  B 2 9  ? 4.345   -8.552  -1.441  1.00 0.00 ? 20 DG  B C2     1 
ATOM   603 N N2     . DG  B 2 9  ? 5.315   -7.932  -2.058  1.00 0.00 ? 20 DG  B N2     1 
ATOM   604 N N3     . DG  B 2 9  ? 3.283   -8.885  -2.138  1.00 0.00 ? 20 DG  B N3     1 
ATOM   605 C C4     . DG  B 2 9  ? 2.363   -9.516  -1.392  1.00 0.00 ? 20 DG  B C4     1 
ATOM   606 H "H5'"  . DG  B 2 9  ? -2.895  -8.262  -3.655  1.00 0.00 ? 20 DG  B "H5'"  1 
ATOM   607 H "H5''" . DG  B 2 9  ? -3.241  -9.497  -4.863  1.00 0.00 ? 20 DG  B "H5''" 1 
ATOM   608 H "H4'"  . DG  B 2 9  ? -1.047  -8.467  -5.153  1.00 0.00 ? 20 DG  B "H4'"  1 
ATOM   609 H "H3'"  . DG  B 2 9  ? -1.554  -11.159 -5.272  1.00 0.00 ? 20 DG  B "H3'"  1 
ATOM   610 H "H2'"  . DG  B 2 9  ? -0.771  -11.402 -3.052  1.00 0.00 ? 20 DG  B "H2'"  1 
ATOM   611 H "H2''" . DG  B 2 9  ? 0.663   -11.889 -3.951  1.00 0.00 ? 20 DG  B "H2''" 1 
ATOM   612 H "H1'"  . DG  B 2 9  ? 1.486   -9.578  -3.848  1.00 0.00 ? 20 DG  B "H1'"  1 
ATOM   613 H H8     . DG  B 2 9  ? -0.402  -11.007 -0.834  1.00 0.00 ? 20 DG  B H8     1 
ATOM   614 H H1     . DG  B 2 9  ? 5.317   -8.544  0.384   1.00 0.00 ? 20 DG  B H1     1 
ATOM   615 H H21    . DG  B 2 9  ? 6.105   -7.568  -1.558  1.00 0.00 ? 20 DG  B H21    1 
ATOM   616 H H22    . DG  B 2 9  ? 5.239   -7.839  -3.043  1.00 0.00 ? 20 DG  B H22    1 
ATOM   617 P P      . DC  B 2 10 ? 1.150   -11.375 -6.697  1.00 0.00 ? 21 DC  B P      1 
ATOM   618 O OP1    . DC  B 2 10 ? 1.238   -11.151 -8.112  1.00 0.00 ? 21 DC  B OP1    1 
ATOM   619 O OP2    . DC  B 2 10 ? 0.831   -12.676 -6.236  1.00 0.00 ? 21 DC  B OP2    1 
ATOM   620 O "O5'"  . DC  B 2 10 ? 2.511   -10.971 -6.038  1.00 0.00 ? 21 DC  B "O5'"  1 
ATOM   621 C "C5'"  . DC  B 2 10 ? 3.163   -9.800  -6.353  1.00 0.00 ? 21 DC  B "C5'"  1 
ATOM   622 C "C4'"  . DC  B 2 10 ? 4.566   -9.784  -5.922  1.00 0.00 ? 21 DC  B "C4'"  1 
ATOM   623 O "O4'"  . DC  B 2 10 ? 4.734   -9.895  -4.555  1.00 0.00 ? 21 DC  B "O4'"  1 
ATOM   624 C "C3'"  . DC  B 2 10 ? 5.293   -10.868 -6.570  1.00 0.00 ? 21 DC  B "C3'"  1 
ATOM   625 O "O3'"  . DC  B 2 10 ? 6.561   -10.420 -6.889  1.00 0.00 ? 21 DC  B "O3'"  1 
ATOM   626 C "C2'"  . DC  B 2 10 ? 5.277   -11.853 -5.512  1.00 0.00 ? 21 DC  B "C2'"  1 
ATOM   627 C "C1'"  . DC  B 2 10 ? 5.480   -11.030 -4.283  1.00 0.00 ? 21 DC  B "C1'"  1 
ATOM   628 N N1     . DC  B 2 10 ? 4.980   -11.573 -3.044  1.00 0.00 ? 21 DC  B N1     1 
ATOM   629 C C2     . DC  B 2 10 ? 5.773   -11.390 -1.956  1.00 0.00 ? 21 DC  B C2     1 
ATOM   630 O O2     . DC  B 2 10 ? 6.858   -10.844 -2.022  1.00 0.00 ? 21 DC  B O2     1 
ATOM   631 N N3     . DC  B 2 10 ? 5.345   -11.831 -0.790  1.00 0.00 ? 21 DC  B N3     1 
ATOM   632 C C4     . DC  B 2 10 ? 4.177   -12.440 -0.684  1.00 0.00 ? 21 DC  B C4     1 
ATOM   633 N N4     . DC  B 2 10 ? 3.807   -12.837 0.488   1.00 0.00 ? 21 DC  B N4     1 
ATOM   634 C C5     . DC  B 2 10 ? 3.339   -12.651 -1.793  1.00 0.00 ? 21 DC  B C5     1 
ATOM   635 C C6     . DC  B 2 10 ? 3.777   -12.200 -2.950  1.00 0.00 ? 21 DC  B C6     1 
ATOM   636 H "H5'"  . DC  B 2 10 ? 2.699   -8.998  -5.866  1.00 0.00 ? 21 DC  B "H5'"  1 
ATOM   637 H "H5''" . DC  B 2 10 ? 3.107   -9.680  -7.394  1.00 0.00 ? 21 DC  B "H5''" 1 
ATOM   638 H "H4'"  . DC  B 2 10 ? 5.002   -8.888  -6.160  1.00 0.00 ? 21 DC  B "H4'"  1 
ATOM   639 H "H3'"  . DC  B 2 10 ? 4.748   -11.199 -7.428  1.00 0.00 ? 21 DC  B "H3'"  1 
ATOM   640 H "H2'"  . DC  B 2 10 ? 4.288   -12.271 -5.573  1.00 0.00 ? 21 DC  B "H2'"  1 
ATOM   641 H "H2''" . DC  B 2 10 ? 5.999   -12.585 -5.616  1.00 0.00 ? 21 DC  B "H2''" 1 
ATOM   642 H "H1'"  . DC  B 2 10 ? 6.521   -10.753 -4.174  1.00 0.00 ? 21 DC  B "H1'"  1 
ATOM   643 H H41    . DC  B 2 10 ? 4.367   -12.591 1.254   1.00 0.00 ? 21 DC  B H41    1 
ATOM   644 H H42    . DC  B 2 10 ? 2.978   -13.368 0.613   1.00 0.00 ? 21 DC  B H42    1 
ATOM   645 H H5     . DC  B 2 10 ? 2.389   -13.162 -1.699  1.00 0.00 ? 21 DC  B H5     1 
ATOM   646 H H6     . DC  B 2 10 ? 3.148   -12.340 -3.812  1.00 0.00 ? 21 DC  B H6     1 
ATOM   647 P P      . DG  B 2 11 ? 7.724   -11.225 -7.381  1.00 0.00 ? 22 DG  B P      1 
ATOM   648 O OP1    . DG  B 2 11 ? 8.656   -10.398 -7.995  1.00 0.00 ? 22 DG  B OP1    1 
ATOM   649 O OP2    . DG  B 2 11 ? 7.128   -12.300 -8.057  1.00 0.00 ? 22 DG  B OP2    1 
ATOM   650 O "O5'"  . DG  B 2 11 ? 8.442   -11.698 -6.113  1.00 0.00 ? 22 DG  B "O5'"  1 
ATOM   651 C "C5'"  . DG  B 2 11 ? 9.692   -11.443 -6.043  1.00 0.00 ? 22 DG  B "C5'"  1 
ATOM   652 C "C4'"  . DG  B 2 11 ? 10.248  -12.266 -5.057  1.00 0.00 ? 22 DG  B "C4'"  1 
ATOM   653 O "O4'"  . DG  B 2 11 ? 9.735   -12.146 -3.820  1.00 0.00 ? 22 DG  B "O4'"  1 
ATOM   654 C "C3'"  . DG  B 2 11 ? 10.057  -13.572 -5.248  1.00 0.00 ? 22 DG  B "C3'"  1 
ATOM   655 O "O3'"  . DG  B 2 11 ? 8.850   -13.849 -5.454  1.00 0.00 ? 22 DG  B "O3'"  1 
ATOM   656 C "C2'"  . DG  B 2 11 ? 10.285  -14.145 -4.001  1.00 0.00 ? 22 DG  B "C2'"  1 
ATOM   657 C "C1'"  . DG  B 2 11 ? 9.884   -13.267 -3.096  1.00 0.00 ? 22 DG  B "C1'"  1 
ATOM   658 N N9     . DG  B 2 11 ? 8.746   -13.716 -2.370  1.00 0.00 ? 22 DG  B N9     1 
ATOM   659 C C8     . DG  B 2 11 ? 7.585   -14.101 -2.819  1.00 0.00 ? 22 DG  B C8     1 
ATOM   660 N N7     . DG  B 2 11 ? 6.756   -14.443 -1.916  1.00 0.00 ? 22 DG  B N7     1 
ATOM   661 C C5     . DG  B 2 11 ? 7.434   -14.268 -0.789  1.00 0.00 ? 22 DG  B C5     1 
ATOM   662 C C6     . DG  B 2 11 ? 7.061   -14.473 0.517   1.00 0.00 ? 22 DG  B C6     1 
ATOM   663 O O6     . DG  B 2 11 ? 6.034   -14.858 0.986   1.00 0.00 ? 22 DG  B O6     1 
ATOM   664 N N1     . DG  B 2 11 ? 8.037   -14.172 1.336   1.00 0.00 ? 22 DG  B N1     1 
ATOM   665 C C2     . DG  B 2 11 ? 9.235   -13.729 0.962   1.00 0.00 ? 22 DG  B C2     1 
ATOM   666 N N2     . DG  B 2 11 ? 10.067  -13.481 1.868   1.00 0.00 ? 22 DG  B N2     1 
ATOM   667 N N3     . DG  B 2 11 ? 9.601   -13.534 -0.252  1.00 0.00 ? 22 DG  B N3     1 
ATOM   668 C C4     . DG  B 2 11 ? 8.651   -13.823 -1.068  1.00 0.00 ? 22 DG  B C4     1 
ATOM   669 H "H5'"  . DG  B 2 11 ? 9.840   -10.544 -5.832  1.00 0.00 ? 22 DG  B "H5'"  1 
ATOM   670 H "H5''" . DG  B 2 11 ? 10.147  -11.530 -6.944  1.00 0.00 ? 22 DG  B "H5''" 1 
ATOM   671 H "H4'"  . DG  B 2 11 ? 11.218  -12.054 -5.113  1.00 0.00 ? 22 DG  B "H4'"  1 
ATOM   672 H "H3'"  . DG  B 2 11 ? 10.664  -13.819 -5.981  1.00 0.00 ? 22 DG  B "H3'"  1 
ATOM   673 H "HO3'" . DG  B 2 11 ? 8.553   -13.084 -5.690  1.00 0.00 ? 22 DG  B "HO3'" 1 
ATOM   674 H "H2'"  . DG  B 2 11 ? 9.718   -14.980 -3.805  1.00 0.00 ? 22 DG  B "H2'"  1 
ATOM   675 H "H2''" . DG  B 2 11 ? 11.238  -14.308 -3.944  1.00 0.00 ? 22 DG  B "H2''" 1 
ATOM   676 H "H1'"  . DG  B 2 11 ? 10.621  -13.124 -2.494  1.00 0.00 ? 22 DG  B "H1'"  1 
ATOM   677 H H8     . DG  B 2 11 ? 7.411   -14.113 -3.852  1.00 0.00 ? 22 DG  B H8     1 
ATOM   678 H H1     . DG  B 2 11 ? 7.798   -14.313 2.271   1.00 0.00 ? 22 DG  B H1     1 
ATOM   679 H H21    . DG  B 2 11 ? 9.800   -13.593 2.781   1.00 0.00 ? 22 DG  B H21    1 
ATOM   680 H H22    . DG  B 2 11 ? 10.965  -13.179 1.632   1.00 0.00 ? 22 DG  B H22    1 
HETATM 681 O O      . HOH C 3 .  ? -2.377  -1.537  -0.282  1.00 0.00 ? 23 HOH A O      1 
HETATM 682 H H1     . HOH C 3 .  ? -2.614  -2.133  -0.902  1.00 0.00 ? 23 HOH A H1     1 
HETATM 683 H H2     . HOH C 3 .  ? -2.443  -1.880  0.535   1.00 0.00 ? 23 HOH A H2     1 
# 
